data_7MBH
#
_entry.id   7MBH
#
_cell.length_a   68.050
_cell.length_b   108.380
_cell.length_c   117.929
_cell.angle_alpha   90.000
_cell.angle_beta   90.000
_cell.angle_gamma   90.000
#
_symmetry.space_group_name_H-M   'P 21 21 21'
#
loop_
_entity.id
_entity.type
_entity.pdbx_description
1 polymer Gamma-enolase
2 non-polymer 'PHOSPHATE ION'
3 non-polymer 'MAGNESIUM ION'
4 non-polymer 'ACETATE ION'
5 non-polymer 1,2-ETHANEDIOL
6 non-polymer 'TRIETHYLENE GLYCOL'
7 non-polymer PHOSPHOSERINE
8 water water
#
_entity_poly.entity_id   1
_entity_poly.type   'polypeptide(L)'
_entity_poly.pdbx_seq_one_letter_code
;MSIEKIWAREILDSRGNPTVEVDLYTAKGLFRAAVPSGASTGIYEALELRDGDKQRYLGKGVLKAVDHINSTIAPALISS
GLSVVEQEKLDNLMLELDGTENKSKFGANAILGVSLAVCKAGAAERELPLYRHIAQLAGNSDLILPVPAFNVINGGSHAG
NKLAMQEFMILPVGAESFRDAMRLGAEVYHTLKGVIKDKYGKDATNVGDEGGFAPNILENSEALELVKEAIDKAGYTEKI
VIGMDVAASEFYRDGKYDLDFKSPTDPSRYITGDQLGALYQDFVRDYPVVSIEDPFDQDDWAAWSKFTANVGIQIVGDDL
TVTNPKRIERAVEEKACNCLLLKVNQIGSVTEAIQACKLAQENGWGVMVSHRSGETEDTFIADLVVGLCTGQIKTGAPCR
SERLAKYNQLMRIEEELGDEARFAGHNFRNPSVLHHHHHH
;
_entity_poly.pdbx_strand_id   A,B
#
# COMPACT_ATOMS: atom_id res chain seq x y z
N MET A 1 18.00 13.91 28.72
CA MET A 1 17.09 15.00 29.08
C MET A 1 15.94 15.12 28.06
N SER A 2 16.19 14.73 26.82
CA SER A 2 15.14 14.73 25.82
C SER A 2 15.03 13.39 25.12
N ILE A 3 15.99 13.06 24.27
CA ILE A 3 15.96 11.82 23.48
C ILE A 3 16.47 10.67 24.35
N GLU A 4 15.57 9.73 24.66
CA GLU A 4 15.98 8.51 25.37
C GLU A 4 16.76 7.56 24.48
N LYS A 5 16.24 7.28 23.28
CA LYS A 5 16.83 6.26 22.44
C LYS A 5 16.54 6.55 20.98
N ILE A 6 17.49 6.20 20.10
CA ILE A 6 17.26 6.24 18.66
C ILE A 6 17.73 4.92 18.08
N TRP A 7 16.80 4.18 17.44
CA TRP A 7 17.10 2.87 16.87
C TRP A 7 16.56 2.79 15.45
N ALA A 8 17.44 2.50 14.48
CA ALA A 8 17.03 2.32 13.10
C ALA A 8 17.00 0.83 12.70
N ARG A 9 16.18 0.51 11.70
CA ARG A 9 16.13 -0.83 11.12
C ARG A 9 15.83 -0.73 9.63
N GLU A 10 15.96 -1.87 8.96
CA GLU A 10 15.66 -2.08 7.55
C GLU A 10 14.23 -2.62 7.42
N ILE A 11 13.39 -1.93 6.65
CA ILE A 11 12.07 -2.45 6.30
C ILE A 11 11.99 -2.56 4.79
N LEU A 12 10.87 -3.02 4.26
CA LEU A 12 10.65 -3.06 2.80
C LEU A 12 9.65 -1.97 2.38
N ASP A 13 9.97 -1.29 1.28
CA ASP A 13 9.09 -0.28 0.72
C ASP A 13 8.09 -0.93 -0.23
N SER A 14 7.31 -0.11 -0.94
CA SER A 14 6.19 -0.60 -1.72
C SER A 14 6.59 -1.40 -2.94
N ARG A 15 7.85 -1.37 -3.33
CA ARG A 15 8.32 -2.16 -4.45
C ARG A 15 9.04 -3.41 -3.99
N GLY A 16 9.05 -3.66 -2.68
CA GLY A 16 9.79 -4.79 -2.15
C GLY A 16 11.27 -4.54 -1.95
N ASN A 17 11.70 -3.27 -1.92
CA ASN A 17 13.10 -2.98 -1.70
C ASN A 17 13.34 -2.50 -0.28
N PRO A 18 14.54 -2.70 0.28
CA PRO A 18 14.79 -2.24 1.65
C PRO A 18 14.79 -0.72 1.72
N THR A 19 14.41 -0.20 2.89
CA THR A 19 14.61 1.21 3.18
C THR A 19 14.74 1.39 4.68
N VAL A 20 15.06 2.62 5.07
CA VAL A 20 15.39 2.95 6.45
C VAL A 20 14.12 3.30 7.19
N GLU A 21 13.93 2.69 8.36
CA GLU A 21 12.94 3.14 9.31
C GLU A 21 13.65 3.49 10.61
N VAL A 22 13.20 4.57 11.28
CA VAL A 22 13.83 5.07 12.49
C VAL A 22 12.79 5.10 13.62
N ASP A 23 13.17 4.58 14.78
CA ASP A 23 12.41 4.70 16.02
C ASP A 23 13.11 5.68 16.95
N LEU A 24 12.39 6.71 17.41
CA LEU A 24 12.92 7.66 18.38
C LEU A 24 12.07 7.61 19.63
N TYR A 25 12.73 7.57 20.79
CA TYR A 25 12.05 7.44 22.07
C TYR A 25 12.22 8.72 22.90
N THR A 26 11.12 9.25 23.42
CA THR A 26 11.14 10.29 24.44
C THR A 26 10.17 9.90 25.55
N ALA A 27 10.16 10.70 26.62
CA ALA A 27 9.23 10.49 27.71
C ALA A 27 7.78 10.46 27.24
N LYS A 28 7.50 10.98 26.06
CA LYS A 28 6.16 10.91 25.50
C LYS A 28 5.93 9.67 24.65
N GLY A 29 6.98 8.90 24.34
CA GLY A 29 6.77 7.59 23.74
C GLY A 29 7.60 7.28 22.52
N LEU A 30 7.04 6.47 21.61
CA LEU A 30 7.70 5.99 20.41
C LEU A 30 7.26 6.83 19.22
N PHE A 31 8.23 7.32 18.46
CA PHE A 31 7.97 8.12 17.27
C PHE A 31 8.72 7.50 16.11
N ARG A 32 7.98 7.05 15.09
CA ARG A 32 8.50 6.19 14.04
C ARG A 32 8.29 6.82 12.67
N ALA A 33 9.34 6.78 11.85
CA ALA A 33 9.29 7.31 10.50
C ALA A 33 10.03 6.36 9.57
N ALA A 34 9.65 6.37 8.30
CA ALA A 34 10.33 5.61 7.25
C ALA A 34 10.65 6.51 6.07
N VAL A 35 11.59 6.08 5.25
CA VAL A 35 12.18 6.91 4.19
C VAL A 35 11.72 6.39 2.83
N PRO A 36 11.28 7.25 1.93
CA PRO A 36 10.89 6.82 0.59
C PRO A 36 12.12 6.76 -0.33
N SER A 37 11.90 6.29 -1.55
CA SER A 37 13.01 6.07 -2.47
C SER A 37 12.53 6.18 -3.92
N GLY A 38 13.30 6.93 -4.73
CA GLY A 38 13.01 7.02 -6.15
C GLY A 38 13.47 5.77 -6.90
N ALA A 39 13.11 5.72 -8.20
CA ALA A 39 13.48 4.54 -8.99
C ALA A 39 14.96 4.54 -9.37
N SER A 40 15.52 5.72 -9.68
CA SER A 40 16.92 5.84 -10.08
C SER A 40 17.59 6.99 -9.34
N THR A 41 18.93 6.99 -9.38
CA THR A 41 19.75 8.03 -8.78
C THR A 41 19.78 9.27 -9.68
N GLY A 42 19.58 10.44 -9.09
CA GLY A 42 19.71 11.70 -9.78
C GLY A 42 21.00 12.40 -9.39
N ILE A 43 21.59 13.11 -10.36
CA ILE A 43 22.92 13.65 -10.14
C ILE A 43 22.88 14.78 -9.10
N TYR A 44 21.82 15.61 -9.10
CA TYR A 44 21.70 16.69 -8.13
C TYR A 44 20.98 16.29 -6.85
N GLU A 45 20.50 15.05 -6.75
CA GLU A 45 19.85 14.61 -5.53
C GLU A 45 20.88 14.43 -4.42
N ALA A 46 20.44 14.62 -3.18
CA ALA A 46 21.22 14.15 -2.05
C ALA A 46 21.35 12.62 -2.13
N LEU A 47 22.46 12.10 -1.63
CA LEU A 47 22.82 10.71 -1.85
C LEU A 47 21.94 9.76 -1.04
N GLU A 48 21.30 8.84 -1.71
CA GLU A 48 20.67 7.69 -1.06
C GLU A 48 21.73 6.61 -0.94
N LEU A 49 22.10 6.27 0.29
CA LEU A 49 23.19 5.33 0.54
C LEU A 49 22.65 3.90 0.56
N ARG A 50 23.16 3.05 -0.35
CA ARG A 50 22.81 1.64 -0.48
C ARG A 50 24.03 0.74 -0.27
N ASP A 51 23.77 -0.49 0.16
CA ASP A 51 24.86 -1.38 0.55
C ASP A 51 25.72 -1.80 -0.65
N GLY A 52 25.12 -1.94 -1.83
CA GLY A 52 25.86 -2.34 -3.02
C GLY A 52 26.33 -3.78 -3.06
N ASP A 53 25.93 -4.61 -2.08
CA ASP A 53 26.25 -6.03 -2.06
C ASP A 53 25.28 -6.74 -2.99
N LYS A 54 25.74 -7.04 -4.22
CA LYS A 54 24.85 -7.57 -5.25
C LYS A 54 24.21 -8.90 -4.89
N GLN A 55 24.69 -9.59 -3.84
CA GLN A 55 24.05 -10.82 -3.40
C GLN A 55 22.75 -10.54 -2.65
N ARG A 56 22.77 -9.54 -1.77
CA ARG A 56 21.67 -9.27 -0.86
C ARG A 56 20.79 -8.19 -1.47
N TYR A 57 19.54 -8.54 -1.81
CA TYR A 57 18.59 -7.59 -2.36
C TYR A 57 19.14 -6.87 -3.60
N LEU A 58 19.99 -7.56 -4.37
CA LEU A 58 20.60 -6.97 -5.57
C LEU A 58 21.39 -5.69 -5.25
N GLY A 59 22.03 -5.65 -4.10
CA GLY A 59 22.77 -4.45 -3.71
C GLY A 59 21.94 -3.28 -3.26
N LYS A 60 20.67 -3.48 -2.92
CA LYS A 60 19.83 -2.38 -2.45
C LYS A 60 19.59 -2.42 -0.95
N GLY A 61 20.34 -3.25 -0.21
CA GLY A 61 20.25 -3.21 1.23
C GLY A 61 20.62 -1.84 1.77
N VAL A 62 20.15 -1.56 3.00
CA VAL A 62 20.45 -0.26 3.63
C VAL A 62 21.04 -0.50 5.01
N LEU A 63 21.77 -1.61 5.17
CA LEU A 63 22.43 -1.90 6.45
C LEU A 63 23.50 -0.85 6.79
N LYS A 64 24.21 -0.33 5.78
CA LYS A 64 25.19 0.72 6.05
C LYS A 64 24.52 1.96 6.61
N ALA A 65 23.40 2.38 6.01
CA ALA A 65 22.71 3.57 6.50
C ALA A 65 22.18 3.36 7.90
N VAL A 66 21.63 2.16 8.16
CA VAL A 66 21.06 1.84 9.47
C VAL A 66 22.15 1.82 10.53
N ASP A 67 23.34 1.31 10.21
CA ASP A 67 24.40 1.31 11.22
C ASP A 67 24.91 2.72 11.51
N HIS A 68 24.94 3.61 10.51
CA HIS A 68 25.32 5.00 10.76
C HIS A 68 24.39 5.67 11.75
N ILE A 69 23.10 5.35 11.70
CA ILE A 69 22.18 5.94 12.67
C ILE A 69 22.44 5.36 14.05
N ASN A 70 22.56 4.04 14.13
CA ASN A 70 22.66 3.37 15.43
C ASN A 70 24.02 3.57 16.10
N SER A 71 25.09 3.71 15.32
CA SER A 71 26.43 3.80 15.88
C SER A 71 26.96 5.22 15.99
N THR A 72 26.50 6.14 15.14
CA THR A 72 27.09 7.47 15.09
C THR A 72 26.05 8.57 15.32
N ILE A 73 25.00 8.63 14.49
CA ILE A 73 24.03 9.71 14.62
C ILE A 73 23.32 9.65 15.97
N ALA A 74 22.93 8.44 16.41
CA ALA A 74 22.17 8.32 17.66
C ALA A 74 22.95 8.81 18.86
N PRO A 75 24.16 8.30 19.17
CA PRO A 75 24.88 8.84 20.33
C PRO A 75 25.09 10.35 20.26
N ALA A 76 25.48 10.88 19.10
CA ALA A 76 25.72 12.32 18.96
C ALA A 76 24.49 13.13 19.38
N LEU A 77 23.31 12.74 18.91
CA LEU A 77 22.10 13.52 19.17
C LEU A 77 21.71 13.45 20.65
N ILE A 78 21.73 12.24 21.22
CA ILE A 78 21.39 12.09 22.64
C ILE A 78 22.35 12.89 23.51
N SER A 79 23.64 12.85 23.21
CA SER A 79 24.64 13.52 24.03
C SER A 79 24.63 15.04 23.85
N SER A 80 24.07 15.54 22.74
CA SER A 80 23.93 16.98 22.57
C SER A 80 22.99 17.60 23.60
N GLY A 81 22.10 16.81 24.18
CA GLY A 81 21.10 17.34 25.08
C GLY A 81 20.18 18.36 24.47
N LEU A 82 20.09 18.42 23.14
CA LEU A 82 19.11 19.29 22.50
C LEU A 82 17.72 18.68 22.59
N SER A 83 16.72 19.51 22.84
CA SER A 83 15.34 19.06 22.87
C SER A 83 14.85 18.72 21.46
N VAL A 84 13.90 17.80 21.37
CA VAL A 84 13.37 17.42 20.07
C VAL A 84 12.59 18.54 19.38
N VAL A 85 12.19 19.60 20.10
CA VAL A 85 11.51 20.69 19.42
C VAL A 85 12.46 21.51 18.56
N GLU A 86 13.78 21.38 18.78
CA GLU A 86 14.77 22.21 18.10
C GLU A 86 15.16 21.54 16.78
N GLN A 87 14.17 21.50 15.87
CA GLN A 87 14.36 20.83 14.60
C GLN A 87 15.59 21.35 13.88
N GLU A 88 15.75 22.67 13.82
CA GLU A 88 16.84 23.24 13.02
C GLU A 88 18.21 22.90 13.61
N LYS A 89 18.31 22.87 14.94
CA LYS A 89 19.61 22.62 15.57
C LYS A 89 19.99 21.15 15.47
N LEU A 90 19.03 20.24 15.57
CA LEU A 90 19.36 18.82 15.43
C LEU A 90 19.66 18.47 13.98
N ASP A 91 18.92 19.07 13.04
CA ASP A 91 19.23 18.91 11.63
C ASP A 91 20.64 19.42 11.31
N ASN A 92 20.94 20.66 11.75
CA ASN A 92 22.27 21.23 11.56
C ASN A 92 23.35 20.33 12.14
N LEU A 93 23.09 19.75 13.31
CA LEU A 93 24.06 18.86 13.95
C LEU A 93 24.36 17.65 13.08
N MET A 94 23.35 17.10 12.41
CA MET A 94 23.59 15.96 11.54
C MET A 94 24.31 16.38 10.28
N LEU A 95 23.94 17.55 9.71
CA LEU A 95 24.62 18.04 8.52
C LEU A 95 26.09 18.27 8.79
N GLU A 96 26.42 18.71 10.01
CA GLU A 96 27.83 18.93 10.37
C GLU A 96 28.56 17.61 10.57
N LEU A 97 27.95 16.67 11.27
CA LEU A 97 28.53 15.34 11.44
C LEU A 97 28.77 14.66 10.11
N ASP A 98 27.83 14.78 9.18
CA ASP A 98 28.05 14.24 7.85
C ASP A 98 29.20 14.96 7.17
N GLY A 99 29.14 16.29 7.13
CA GLY A 99 30.23 17.09 6.64
C GLY A 99 30.46 17.01 5.15
N THR A 100 29.43 16.71 4.38
CA THR A 100 29.51 16.72 2.93
C THR A 100 28.27 17.43 2.40
N GLU A 101 28.40 18.04 1.22
CA GLU A 101 27.33 18.90 0.72
C GLU A 101 26.11 18.10 0.26
N ASN A 102 26.32 16.85 -0.15
CA ASN A 102 25.25 16.02 -0.67
C ASN A 102 24.94 14.84 0.26
N LYS A 103 25.37 14.92 1.53
CA LYS A 103 25.10 13.86 2.51
C LYS A 103 25.55 12.51 2.01
N SER A 104 26.80 12.46 1.52
CA SER A 104 27.36 11.25 0.92
C SER A 104 28.02 10.34 1.94
N LYS A 105 28.21 10.81 3.18
CA LYS A 105 28.82 9.98 4.20
C LYS A 105 27.81 9.10 4.91
N PHE A 106 26.72 9.69 5.42
CA PHE A 106 25.69 8.89 6.07
C PHE A 106 24.57 8.48 5.11
N GLY A 107 24.41 9.20 4.01
CA GLY A 107 23.25 9.01 3.17
C GLY A 107 22.10 9.89 3.59
N ALA A 108 21.47 10.54 2.62
CA ALA A 108 20.26 11.30 2.92
C ALA A 108 19.20 10.41 3.53
N ASN A 109 19.22 9.11 3.24
CA ASN A 109 18.18 8.26 3.82
C ASN A 109 18.40 8.05 5.31
N ALA A 110 19.66 7.91 5.73
CA ALA A 110 19.95 7.90 7.16
C ALA A 110 19.55 9.23 7.82
N ILE A 111 19.97 10.35 7.25
CA ILE A 111 19.75 11.63 7.90
C ILE A 111 18.26 11.98 7.89
N LEU A 112 17.57 11.73 6.77
CA LEU A 112 16.15 12.06 6.71
C LEU A 112 15.36 11.26 7.76
N GLY A 113 15.63 9.96 7.88
CA GLY A 113 14.85 9.14 8.79
C GLY A 113 14.84 9.69 10.20
N VAL A 114 16.00 10.13 10.68
CA VAL A 114 16.09 10.73 12.01
C VAL A 114 15.36 12.07 12.04
N SER A 115 15.58 12.91 11.02
CA SER A 115 14.92 14.20 10.90
C SER A 115 13.41 14.07 10.99
N LEU A 116 12.84 13.09 10.30
CA LEU A 116 11.39 12.89 10.37
C LEU A 116 10.96 12.42 11.76
N ALA A 117 11.71 11.47 12.35
CA ALA A 117 11.41 11.01 13.69
C ALA A 117 11.51 12.14 14.71
N VAL A 118 12.54 12.99 14.59
CA VAL A 118 12.68 14.14 15.49
C VAL A 118 11.49 15.09 15.35
N CYS A 119 11.08 15.38 14.12
CA CYS A 119 9.93 16.24 13.89
C CYS A 119 8.68 15.69 14.56
N LYS A 120 8.43 14.38 14.44
CA LYS A 120 7.28 13.77 15.08
C LYS A 120 7.37 13.85 16.59
N ALA A 121 8.55 13.57 17.15
CA ALA A 121 8.73 13.66 18.59
C ALA A 121 8.63 15.10 19.06
N GLY A 122 9.16 16.04 18.26
CA GLY A 122 9.01 17.45 18.60
C GLY A 122 7.56 17.90 18.69
N ALA A 123 6.72 17.42 17.78
CA ALA A 123 5.32 17.84 17.80
C ALA A 123 4.64 17.39 19.09
N ALA A 124 4.97 16.19 19.58
CA ALA A 124 4.37 15.71 20.82
C ALA A 124 4.89 16.49 22.03
N GLU A 125 6.17 16.88 22.04
CA GLU A 125 6.67 17.70 23.13
C GLU A 125 6.00 19.07 23.14
N ARG A 126 5.67 19.62 21.97
CA ARG A 126 4.93 20.87 21.84
C ARG A 126 3.44 20.71 22.11
N GLU A 127 2.96 19.47 22.26
CA GLU A 127 1.53 19.16 22.36
C GLU A 127 0.76 19.77 21.19
N LEU A 128 1.19 19.43 19.97
CA LEU A 128 0.62 19.91 18.73
C LEU A 128 0.52 18.75 17.75
N PRO A 129 -0.56 18.71 16.95
CA PRO A 129 -0.57 17.84 15.78
C PRO A 129 0.65 18.15 14.92
N LEU A 130 1.19 17.08 14.30
CA LEU A 130 2.38 17.21 13.46
C LEU A 130 2.25 18.36 12.47
N TYR A 131 1.09 18.47 11.81
CA TYR A 131 0.95 19.47 10.76
C TYR A 131 1.02 20.89 11.32
N ARG A 132 0.56 21.10 12.55
CA ARG A 132 0.63 22.42 13.16
C ARG A 132 2.05 22.75 13.61
N HIS A 133 2.77 21.73 14.10
CA HIS A 133 4.18 21.90 14.45
C HIS A 133 5.00 22.30 13.23
N ILE A 134 4.76 21.62 12.10
CA ILE A 134 5.42 21.98 10.84
C ILE A 134 5.06 23.40 10.42
N ALA A 135 3.79 23.78 10.57
CA ALA A 135 3.39 25.14 10.22
C ALA A 135 4.19 26.14 11.03
N GLN A 136 4.41 25.86 12.32
CA GLN A 136 5.19 26.77 13.14
C GLN A 136 6.66 26.74 12.74
N LEU A 137 7.21 25.56 12.43
CA LEU A 137 8.59 25.51 11.95
C LEU A 137 8.75 26.29 10.65
N ALA A 138 7.68 26.47 9.90
CA ALA A 138 7.77 27.15 8.62
C ALA A 138 7.32 28.61 8.70
N GLY A 139 6.67 29.01 9.78
CA GLY A 139 6.15 30.36 9.90
C GLY A 139 4.77 30.58 9.31
N ASN A 140 3.95 29.54 9.23
CA ASN A 140 2.57 29.68 8.76
C ASN A 140 1.62 29.61 9.93
N SER A 141 0.44 30.20 9.72
CA SER A 141 -0.65 30.15 10.67
C SER A 141 -1.94 29.58 10.13
N ASP A 142 -2.19 29.69 8.83
CA ASP A 142 -3.52 29.39 8.27
C ASP A 142 -3.45 28.16 7.37
N LEU A 143 -3.73 27.00 7.94
CA LEU A 143 -3.58 25.72 7.26
C LEU A 143 -4.57 25.56 6.11
N ILE A 144 -4.17 24.76 5.12
CA ILE A 144 -4.94 24.52 3.90
C ILE A 144 -4.88 23.04 3.54
N LEU A 145 -6.05 22.45 3.26
CA LEU A 145 -6.06 21.09 2.71
C LEU A 145 -5.83 21.14 1.21
N PRO A 146 -4.96 20.30 0.68
CA PRO A 146 -4.56 20.44 -0.72
C PRO A 146 -5.53 19.78 -1.68
N VAL A 147 -5.42 20.18 -2.93
CA VAL A 147 -6.00 19.41 -4.03
C VAL A 147 -5.11 18.19 -4.28
N PRO A 148 -5.67 16.99 -4.32
CA PRO A 148 -4.84 15.83 -4.67
C PRO A 148 -4.74 15.72 -6.17
N ALA A 149 -3.54 15.40 -6.67
CA ALA A 149 -3.37 15.07 -8.08
C ALA A 149 -3.15 13.55 -8.18
N PHE A 150 -4.15 12.85 -8.72
CA PHE A 150 -4.19 11.39 -8.76
C PHE A 150 -3.64 10.87 -10.09
N ASN A 151 -2.55 10.10 -10.04
CA ASN A 151 -2.04 9.41 -11.22
C ASN A 151 -3.10 8.43 -11.74
N VAL A 152 -3.40 8.46 -13.05
CA VAL A 152 -4.40 7.53 -13.59
C VAL A 152 -3.92 6.83 -14.87
N ILE A 153 -3.14 7.50 -15.71
CA ILE A 153 -2.62 6.91 -16.94
C ILE A 153 -1.11 7.12 -17.00
N ASN A 154 -0.38 6.06 -17.40
CA ASN A 154 1.07 6.06 -17.42
C ASN A 154 1.63 5.75 -18.80
N GLY A 155 2.77 6.37 -19.10
CA GLY A 155 3.48 6.16 -20.35
C GLY A 155 4.95 6.36 -20.08
N GLY A 156 5.69 6.84 -21.08
CA GLY A 156 7.12 7.06 -20.89
C GLY A 156 7.81 5.76 -20.53
N SER A 157 8.83 5.85 -19.67
CA SER A 157 9.53 4.67 -19.21
C SER A 157 8.70 3.83 -18.24
N HIS A 158 7.56 4.33 -17.78
CA HIS A 158 6.72 3.55 -16.86
C HIS A 158 5.89 2.49 -17.56
N ALA A 159 6.00 2.34 -18.88
CA ALA A 159 5.01 1.51 -19.54
C ALA A 159 5.58 0.97 -20.84
N GLY A 160 5.07 -0.20 -21.24
CA GLY A 160 5.43 -0.81 -22.51
C GLY A 160 4.69 -0.26 -23.70
N ASN A 161 3.87 0.77 -23.51
CA ASN A 161 3.09 1.34 -24.60
C ASN A 161 3.95 2.28 -25.43
N LYS A 162 3.34 2.87 -26.46
CA LYS A 162 4.00 3.88 -27.30
C LYS A 162 3.95 5.28 -26.71
N LEU A 163 2.99 5.57 -25.83
CA LEU A 163 2.85 6.82 -25.10
C LEU A 163 4.20 7.32 -24.55
N ALA A 164 4.62 8.52 -24.99
CA ALA A 164 5.93 9.01 -24.56
C ALA A 164 5.88 9.85 -23.28
N MET A 165 4.75 10.50 -23.01
CA MET A 165 4.63 11.27 -21.77
C MET A 165 4.36 10.34 -20.59
N GLN A 166 4.94 10.68 -19.44
CA GLN A 166 5.07 9.69 -18.37
C GLN A 166 3.77 9.48 -17.60
N GLU A 167 3.12 10.55 -17.13
CA GLU A 167 1.98 10.43 -16.25
C GLU A 167 0.88 11.42 -16.65
N PHE A 168 -0.37 10.94 -16.61
CA PHE A 168 -1.55 11.79 -16.70
C PHE A 168 -2.31 11.67 -15.39
N MET A 169 -2.67 12.81 -14.79
CA MET A 169 -3.27 12.90 -13.47
C MET A 169 -4.61 13.64 -13.55
N ILE A 170 -5.45 13.45 -12.53
CA ILE A 170 -6.72 14.16 -12.41
C ILE A 170 -6.73 14.93 -11.10
N LEU A 171 -7.23 16.17 -11.15
CA LEU A 171 -7.25 17.06 -9.98
C LEU A 171 -8.68 17.49 -9.67
N PRO A 172 -9.26 17.10 -8.57
CA PRO A 172 -10.68 17.52 -8.36
C PRO A 172 -10.75 18.91 -7.73
N VAL A 173 -10.39 19.90 -8.55
CA VAL A 173 -10.41 21.29 -8.13
C VAL A 173 -11.80 21.77 -7.75
N GLY A 174 -12.87 21.13 -8.24
CA GLY A 174 -14.22 21.57 -7.99
C GLY A 174 -14.91 20.92 -6.81
N ALA A 175 -14.20 20.03 -6.11
CA ALA A 175 -14.73 19.38 -4.92
C ALA A 175 -15.08 20.40 -3.84
N GLU A 176 -16.03 20.03 -2.97
CA GLU A 176 -16.43 20.90 -1.86
C GLU A 176 -15.41 20.91 -0.73
N SER A 177 -14.62 19.84 -0.61
CA SER A 177 -13.76 19.63 0.54
C SER A 177 -12.75 18.56 0.15
N PHE A 178 -11.79 18.31 1.04
CA PHE A 178 -10.82 17.28 0.73
C PHE A 178 -11.46 15.89 0.73
N ARG A 179 -12.37 15.63 1.68
CA ARG A 179 -13.04 14.34 1.67
C ARG A 179 -13.85 14.16 0.39
N ASP A 180 -14.51 15.24 -0.04
CA ASP A 180 -15.23 15.21 -1.30
C ASP A 180 -14.28 15.00 -2.48
N ALA A 181 -13.05 15.51 -2.40
CA ALA A 181 -12.10 15.31 -3.48
C ALA A 181 -11.66 13.85 -3.56
N MET A 182 -11.53 13.19 -2.41
CA MET A 182 -11.23 11.77 -2.45
C MET A 182 -12.35 10.98 -3.12
N ARG A 183 -13.61 11.38 -2.87
CA ARG A 183 -14.72 10.67 -3.50
C ARG A 183 -14.71 10.85 -5.02
N LEU A 184 -14.60 12.10 -5.48
CA LEU A 184 -14.54 12.36 -6.92
C LEU A 184 -13.37 11.63 -7.57
N GLY A 185 -12.19 11.67 -6.93
CA GLY A 185 -11.06 10.91 -7.46
C GLY A 185 -11.36 9.43 -7.58
N ALA A 186 -11.91 8.82 -6.52
CA ALA A 186 -12.12 7.37 -6.56
C ALA A 186 -13.15 7.00 -7.63
N GLU A 187 -14.24 7.78 -7.72
CA GLU A 187 -15.28 7.49 -8.70
C GLU A 187 -14.76 7.60 -10.14
N VAL A 188 -13.94 8.60 -10.43
CA VAL A 188 -13.36 8.67 -11.76
C VAL A 188 -12.36 7.54 -11.99
N TYR A 189 -11.55 7.21 -10.98
CA TYR A 189 -10.61 6.08 -11.08
C TYR A 189 -11.33 4.80 -11.47
N HIS A 190 -12.45 4.50 -10.80
CA HIS A 190 -13.17 3.26 -11.07
C HIS A 190 -13.91 3.33 -12.40
N THR A 191 -14.54 4.48 -12.70
CA THR A 191 -15.11 4.69 -14.02
C THR A 191 -14.06 4.44 -15.11
N LEU A 192 -12.87 5.01 -14.93
CA LEU A 192 -11.80 4.85 -15.92
C LEU A 192 -11.36 3.38 -16.02
N LYS A 193 -11.26 2.68 -14.88
CA LYS A 193 -10.92 1.26 -14.92
C LYS A 193 -11.93 0.49 -15.76
N GLY A 194 -13.22 0.79 -15.58
CA GLY A 194 -14.26 0.18 -16.39
C GLY A 194 -14.07 0.45 -17.87
N VAL A 195 -13.80 1.72 -18.22
CA VAL A 195 -13.62 2.08 -19.62
C VAL A 195 -12.44 1.33 -20.23
N ILE A 196 -11.32 1.25 -19.50
CA ILE A 196 -10.14 0.54 -20.01
C ILE A 196 -10.45 -0.93 -20.21
N LYS A 197 -11.13 -1.56 -19.25
CA LYS A 197 -11.45 -2.98 -19.37
C LYS A 197 -12.20 -3.29 -20.65
N ASP A 198 -13.12 -2.40 -21.05
CA ASP A 198 -13.93 -2.63 -22.24
C ASP A 198 -13.17 -2.32 -23.51
N LYS A 199 -12.41 -1.23 -23.53
CA LYS A 199 -11.72 -0.83 -24.74
C LYS A 199 -10.41 -1.59 -24.94
N TYR A 200 -9.70 -1.93 -23.88
CA TYR A 200 -8.38 -2.54 -24.03
C TYR A 200 -8.24 -3.94 -23.48
N GLY A 201 -9.20 -4.44 -22.70
CA GLY A 201 -9.11 -5.78 -22.15
C GLY A 201 -8.80 -5.78 -20.66
N LYS A 202 -9.12 -6.90 -20.02
CA LYS A 202 -8.92 -7.06 -18.58
C LYS A 202 -7.44 -6.99 -18.19
N ASP A 203 -6.56 -7.48 -19.07
CA ASP A 203 -5.13 -7.38 -18.82
C ASP A 203 -4.67 -5.93 -18.65
N ALA A 204 -5.36 -5.00 -19.31
CA ALA A 204 -4.96 -3.60 -19.32
C ALA A 204 -5.31 -2.86 -18.03
N THR A 205 -5.90 -3.53 -17.05
CA THR A 205 -6.31 -2.88 -15.81
C THR A 205 -5.47 -3.28 -14.59
N ASN A 206 -4.34 -3.97 -14.77
CA ASN A 206 -3.37 -4.04 -13.67
C ASN A 206 -2.65 -2.71 -13.53
N VAL A 207 -1.98 -2.50 -12.39
CA VAL A 207 -1.51 -1.16 -12.02
C VAL A 207 0.01 -1.11 -11.94
N GLY A 208 0.53 0.12 -12.11
CA GLY A 208 1.95 0.38 -11.99
C GLY A 208 2.34 0.77 -10.58
N ASP A 209 3.56 1.28 -10.44
CA ASP A 209 4.12 1.51 -9.11
C ASP A 209 3.26 2.46 -8.28
N GLU A 210 2.64 3.46 -8.92
CA GLU A 210 1.86 4.47 -8.22
C GLU A 210 0.35 4.21 -8.30
N GLY A 211 -0.05 3.03 -8.78
CA GLY A 211 -1.45 2.63 -8.78
C GLY A 211 -2.25 3.01 -10.00
N GLY A 212 -1.64 3.61 -11.03
CA GLY A 212 -2.34 3.95 -12.24
C GLY A 212 -2.25 2.87 -13.31
N PHE A 213 -2.97 3.10 -14.41
CA PHE A 213 -3.08 2.11 -15.46
C PHE A 213 -2.12 2.46 -16.59
N ALA A 214 -1.71 1.45 -17.35
CA ALA A 214 -0.86 1.67 -18.51
C ALA A 214 -1.35 0.84 -19.69
N PRO A 215 -2.52 1.17 -20.23
CA PRO A 215 -3.02 0.46 -21.41
C PRO A 215 -2.19 0.79 -22.63
N ASN A 216 -2.35 -0.03 -23.68
CA ASN A 216 -1.61 0.13 -24.93
C ASN A 216 -2.05 1.36 -25.73
N ILE A 217 -1.79 2.53 -25.18
CA ILE A 217 -2.13 3.79 -25.83
C ILE A 217 -0.99 4.21 -26.74
N LEU A 218 -1.33 4.65 -27.95
CA LEU A 218 -0.32 4.99 -28.93
C LEU A 218 -0.04 6.50 -29.03
N GLU A 219 -1.04 7.35 -28.84
CA GLU A 219 -0.92 8.79 -29.02
C GLU A 219 -1.15 9.54 -27.71
N ASN A 220 -0.36 10.60 -27.49
CA ASN A 220 -0.47 11.37 -26.26
C ASN A 220 -1.87 11.97 -26.11
N SER A 221 -2.48 12.36 -27.22
CA SER A 221 -3.82 12.95 -27.19
C SER A 221 -4.90 11.90 -26.97
N GLU A 222 -4.63 10.65 -27.35
CA GLU A 222 -5.58 9.56 -27.05
C GLU A 222 -5.68 9.32 -25.56
N ALA A 223 -4.56 9.44 -24.83
CA ALA A 223 -4.61 9.33 -23.38
C ALA A 223 -5.46 10.44 -22.77
N LEU A 224 -5.26 11.69 -23.22
CA LEU A 224 -6.05 12.84 -22.73
C LEU A 224 -7.54 12.65 -23.00
N GLU A 225 -7.89 12.12 -24.17
CA GLU A 225 -9.29 11.82 -24.49
C GLU A 225 -9.84 10.74 -23.57
N LEU A 226 -9.06 9.70 -23.31
CA LEU A 226 -9.47 8.66 -22.37
C LEU A 226 -9.79 9.27 -21.01
N VAL A 227 -8.91 10.15 -20.51
CA VAL A 227 -9.13 10.73 -19.20
C VAL A 227 -10.35 11.64 -19.21
N LYS A 228 -10.44 12.51 -20.21
CA LYS A 228 -11.62 13.36 -20.37
C LYS A 228 -12.91 12.54 -20.37
N GLU A 229 -12.91 11.42 -21.09
CA GLU A 229 -14.11 10.60 -21.20
C GLU A 229 -14.48 9.95 -19.86
N ALA A 230 -13.50 9.52 -19.07
CA ALA A 230 -13.81 8.96 -17.76
C ALA A 230 -14.39 10.03 -16.83
N ILE A 231 -13.84 11.25 -16.88
CA ILE A 231 -14.38 12.36 -16.09
C ILE A 231 -15.80 12.68 -16.50
N ASP A 232 -16.06 12.70 -17.82
CA ASP A 232 -17.38 13.04 -18.30
C ASP A 232 -18.39 11.96 -17.92
N LYS A 233 -18.01 10.68 -18.12
CA LYS A 233 -18.92 9.59 -17.76
C LYS A 233 -19.14 9.49 -16.26
N ALA A 234 -18.15 9.87 -15.45
CA ALA A 234 -18.39 9.91 -14.01
C ALA A 234 -19.28 11.08 -13.63
N GLY A 235 -19.46 12.06 -14.53
CA GLY A 235 -20.36 13.16 -14.28
C GLY A 235 -19.75 14.40 -13.66
N TYR A 236 -18.44 14.62 -13.86
CA TYR A 236 -17.75 15.70 -13.17
C TYR A 236 -16.97 16.58 -14.14
N THR A 237 -17.49 16.74 -15.34
CA THR A 237 -16.80 17.49 -16.39
C THR A 237 -16.24 18.83 -15.92
N GLU A 238 -17.01 19.62 -15.20
CA GLU A 238 -16.39 20.89 -14.86
C GLU A 238 -15.57 20.85 -13.57
N LYS A 239 -15.72 19.81 -12.74
CA LYS A 239 -15.13 19.79 -11.41
C LYS A 239 -13.76 19.10 -11.34
N ILE A 240 -13.31 18.47 -12.42
CA ILE A 240 -12.08 17.70 -12.41
C ILE A 240 -11.28 18.08 -13.64
N VAL A 241 -10.01 18.44 -13.44
CA VAL A 241 -9.14 18.92 -14.50
C VAL A 241 -7.92 18.01 -14.54
N ILE A 242 -7.00 18.26 -15.47
CA ILE A 242 -5.97 17.31 -15.80
C ILE A 242 -4.60 17.91 -15.48
N GLY A 243 -3.71 17.06 -14.97
CA GLY A 243 -2.30 17.40 -14.86
C GLY A 243 -1.46 16.34 -15.57
N MET A 244 -0.30 16.75 -16.03
CA MET A 244 0.59 15.87 -16.77
C MET A 244 1.98 15.94 -16.18
N ASP A 245 2.66 14.80 -16.13
CA ASP A 245 4.10 14.77 -15.90
C ASP A 245 4.71 14.25 -17.19
N VAL A 246 5.37 15.12 -17.95
CA VAL A 246 5.97 14.73 -19.23
C VAL A 246 7.27 13.97 -19.02
N ALA A 247 8.07 14.38 -18.05
CA ALA A 247 9.42 13.84 -17.84
C ALA A 247 10.22 13.89 -19.15
N ALA A 248 10.32 15.10 -19.71
CA ALA A 248 10.87 15.28 -21.04
C ALA A 248 12.35 14.89 -21.13
N SER A 249 13.09 14.94 -20.02
CA SER A 249 14.47 14.45 -20.04
C SER A 249 14.59 13.03 -20.56
N GLU A 250 13.52 12.23 -20.43
CA GLU A 250 13.54 10.83 -20.85
C GLU A 250 13.68 10.70 -22.37
N PHE A 251 13.06 11.61 -23.14
CA PHE A 251 13.12 11.48 -24.59
C PHE A 251 13.87 12.65 -25.21
N TYR A 252 14.76 13.25 -24.43
CA TYR A 252 15.64 14.29 -24.93
C TYR A 252 16.79 13.64 -25.68
N ARG A 253 17.02 14.10 -26.92
CA ARG A 253 17.91 13.43 -27.87
C ARG A 253 18.63 14.51 -28.67
N ASP A 254 19.87 14.79 -28.32
CA ASP A 254 20.72 15.67 -29.13
C ASP A 254 20.06 17.03 -29.37
N GLY A 255 19.60 17.66 -28.29
CA GLY A 255 18.99 18.98 -28.36
C GLY A 255 17.55 19.00 -28.86
N LYS A 256 17.02 17.87 -29.29
CA LYS A 256 15.64 17.73 -29.73
C LYS A 256 14.94 16.71 -28.81
N TYR A 257 13.70 16.36 -29.16
CA TYR A 257 12.82 15.55 -28.32
C TYR A 257 12.17 14.47 -29.17
N ASP A 258 12.22 13.22 -28.70
CA ASP A 258 11.71 12.08 -29.46
C ASP A 258 10.38 11.61 -28.85
N LEU A 259 9.26 12.09 -29.39
CA LEU A 259 7.96 11.68 -28.88
C LEU A 259 7.63 10.22 -29.21
N ASP A 260 8.48 9.51 -29.94
CA ASP A 260 8.30 8.09 -30.12
C ASP A 260 9.59 7.38 -29.74
N PHE A 261 10.10 7.66 -28.55
CA PHE A 261 11.42 7.18 -28.17
C PHE A 261 11.44 5.69 -27.86
N LYS A 262 10.29 5.02 -27.82
CA LYS A 262 10.23 3.60 -27.57
C LYS A 262 10.02 2.78 -28.84
N SER A 263 9.97 3.42 -30.01
CA SER A 263 10.02 2.79 -31.32
C SER A 263 11.44 2.82 -31.83
N PRO A 264 11.79 2.01 -32.85
CA PRO A 264 13.18 1.97 -33.31
C PRO A 264 13.65 3.34 -33.79
N THR A 265 14.81 3.76 -33.26
CA THR A 265 15.28 5.14 -33.38
C THR A 265 15.18 5.64 -34.82
N ASP A 266 14.71 6.89 -34.97
CA ASP A 266 14.62 7.53 -36.27
C ASP A 266 14.76 9.04 -36.04
N PRO A 267 15.99 9.57 -36.15
CA PRO A 267 16.21 10.99 -35.84
C PRO A 267 15.34 11.95 -36.62
N SER A 268 14.82 11.55 -37.78
CA SER A 268 14.03 12.48 -38.58
C SER A 268 12.74 12.90 -37.88
N ARG A 269 12.28 12.13 -36.90
CA ARG A 269 11.05 12.44 -36.18
C ARG A 269 11.25 13.35 -34.97
N TYR A 270 12.49 13.60 -34.54
CA TYR A 270 12.73 14.47 -33.39
C TYR A 270 12.20 15.88 -33.66
N ILE A 271 11.57 16.45 -32.65
CA ILE A 271 11.05 17.81 -32.76
C ILE A 271 11.83 18.72 -31.81
N THR A 272 11.89 20.00 -32.17
CA THR A 272 12.56 20.99 -31.36
C THR A 272 11.75 21.30 -30.09
N GLY A 273 12.37 22.03 -29.17
CA GLY A 273 11.66 22.47 -27.98
C GLY A 273 10.48 23.37 -28.31
N ASP A 274 10.66 24.31 -29.25
CA ASP A 274 9.55 25.17 -29.67
C ASP A 274 8.43 24.35 -30.31
N GLN A 275 8.78 23.30 -31.06
CA GLN A 275 7.74 22.41 -31.60
C GLN A 275 7.01 21.69 -30.47
N LEU A 276 7.76 21.24 -29.45
CA LEU A 276 7.11 20.61 -28.30
C LEU A 276 6.25 21.61 -27.54
N GLY A 277 6.72 22.86 -27.42
CA GLY A 277 5.93 23.87 -26.74
C GLY A 277 4.60 24.11 -27.43
N ALA A 278 4.62 24.12 -28.76
CA ALA A 278 3.37 24.35 -29.50
C ALA A 278 2.40 23.19 -29.31
N LEU A 279 2.92 21.97 -29.20
CA LEU A 279 2.07 20.82 -28.92
C LEU A 279 1.37 20.95 -27.58
N TYR A 280 2.08 21.46 -26.56
CA TYR A 280 1.44 21.70 -25.27
C TYR A 280 0.32 22.75 -25.35
N GLN A 281 0.55 23.84 -26.11
CA GLN A 281 -0.50 24.85 -26.26
C GLN A 281 -1.76 24.27 -26.89
N ASP A 282 -1.60 23.32 -27.82
CA ASP A 282 -2.75 22.62 -28.39
C ASP A 282 -3.47 21.76 -27.37
N PHE A 283 -2.74 21.09 -26.46
CA PHE A 283 -3.39 20.29 -25.41
C PHE A 283 -4.21 21.18 -24.49
N VAL A 284 -3.61 22.30 -24.08
CA VAL A 284 -4.23 23.24 -23.15
C VAL A 284 -5.46 23.88 -23.76
N ARG A 285 -5.52 24.02 -25.09
CA ARG A 285 -6.71 24.51 -25.75
C ARG A 285 -7.79 23.43 -25.86
N ASP A 286 -7.40 22.19 -26.17
CA ASP A 286 -8.38 21.15 -26.46
C ASP A 286 -8.77 20.34 -25.23
N TYR A 287 -8.04 20.45 -24.14
CA TYR A 287 -8.31 19.63 -22.96
C TYR A 287 -8.07 20.46 -21.72
N PRO A 288 -8.77 20.16 -20.64
CA PRO A 288 -8.59 20.95 -19.40
C PRO A 288 -7.29 20.66 -18.68
N VAL A 289 -6.14 20.83 -19.34
CA VAL A 289 -4.84 20.64 -18.72
C VAL A 289 -4.45 21.95 -18.04
N VAL A 290 -4.26 21.92 -16.72
CA VAL A 290 -3.92 23.10 -15.93
C VAL A 290 -2.52 23.05 -15.32
N SER A 291 -1.78 21.95 -15.50
CA SER A 291 -0.48 21.80 -14.87
C SER A 291 0.33 20.80 -15.67
N ILE A 292 1.57 21.16 -15.99
CA ILE A 292 2.49 20.27 -16.70
C ILE A 292 3.82 20.27 -15.98
N GLU A 293 4.28 19.07 -15.65
CA GLU A 293 5.53 18.89 -14.95
C GLU A 293 6.61 18.46 -15.95
N ASP A 294 7.80 19.03 -15.78
CA ASP A 294 8.95 18.73 -16.62
C ASP A 294 8.64 18.71 -18.12
N PRO A 295 8.09 19.81 -18.66
CA PRO A 295 7.82 19.87 -20.10
C PRO A 295 9.06 19.79 -20.98
N PHE A 296 10.25 20.07 -20.44
CA PHE A 296 11.47 20.12 -21.23
C PHE A 296 12.59 19.44 -20.47
N ASP A 297 13.72 19.25 -21.16
CA ASP A 297 14.85 18.57 -20.53
C ASP A 297 15.32 19.32 -19.30
N GLN A 298 15.94 18.60 -18.37
CA GLN A 298 16.39 19.19 -17.13
C GLN A 298 17.54 20.18 -17.29
N ASP A 299 18.11 20.31 -18.49
CA ASP A 299 19.12 21.33 -18.75
C ASP A 299 18.73 22.29 -19.87
N ASP A 300 17.53 22.13 -20.45
CA ASP A 300 17.08 22.94 -21.58
C ASP A 300 16.44 24.23 -21.06
N TRP A 301 17.27 25.03 -20.38
CA TRP A 301 16.79 26.19 -19.63
C TRP A 301 16.08 27.17 -20.55
N ALA A 302 16.55 27.31 -21.78
CA ALA A 302 15.97 28.31 -22.66
C ALA A 302 14.54 27.95 -23.02
N ALA A 303 14.26 26.66 -23.19
CA ALA A 303 12.91 26.23 -23.54
C ALA A 303 11.95 26.46 -22.38
N TRP A 304 12.35 26.10 -21.17
CA TRP A 304 11.52 26.37 -19.99
C TRP A 304 11.11 27.84 -19.93
N SER A 305 12.08 28.75 -20.02
CA SER A 305 11.81 30.16 -19.82
C SER A 305 10.85 30.71 -20.87
N LYS A 306 11.03 30.28 -22.12
CA LYS A 306 10.19 30.73 -23.22
C LYS A 306 8.77 30.20 -23.07
N PHE A 307 8.62 28.95 -22.64
CA PHE A 307 7.29 28.38 -22.41
C PHE A 307 6.61 29.05 -21.22
N THR A 308 7.31 29.13 -20.09
CA THR A 308 6.71 29.75 -18.89
C THR A 308 6.31 31.22 -19.13
N ALA A 309 7.15 32.01 -19.81
CA ALA A 309 6.73 33.38 -20.13
C ALA A 309 5.48 33.43 -21.01
N ASN A 310 5.17 32.36 -21.75
CA ASN A 310 4.17 32.42 -22.79
C ASN A 310 2.90 31.60 -22.57
N VAL A 311 2.76 30.91 -21.43
CA VAL A 311 1.50 30.23 -21.13
C VAL A 311 1.08 30.59 -19.71
N GLY A 312 -0.22 30.49 -19.45
CA GLY A 312 -0.75 30.81 -18.15
C GLY A 312 -1.05 29.64 -17.24
N ILE A 313 -0.59 28.44 -17.58
CA ILE A 313 -0.88 27.29 -16.72
C ILE A 313 0.27 27.06 -15.75
N GLN A 314 0.07 26.14 -14.81
CA GLN A 314 1.13 25.75 -13.89
C GLN A 314 2.20 24.95 -14.62
N ILE A 315 3.47 25.31 -14.36
CA ILE A 315 4.65 24.68 -14.96
C ILE A 315 5.54 24.20 -13.81
N VAL A 316 5.65 22.90 -13.64
CA VAL A 316 6.23 22.31 -12.44
C VAL A 316 7.64 21.83 -12.73
N GLY A 317 8.62 22.31 -11.96
CA GLY A 317 9.94 21.73 -12.00
C GLY A 317 10.07 20.46 -11.15
N ASP A 318 10.49 19.36 -11.75
CA ASP A 318 10.81 18.14 -11.00
C ASP A 318 12.29 17.79 -11.19
N ASP A 319 12.63 17.21 -12.34
CA ASP A 319 14.04 17.01 -12.67
C ASP A 319 14.79 18.33 -12.89
N LEU A 320 14.08 19.41 -13.15
CA LEU A 320 14.77 20.69 -13.30
C LEU A 320 15.32 21.17 -11.97
N THR A 321 14.51 21.12 -10.93
CA THR A 321 14.86 21.73 -9.64
C THR A 321 15.40 20.74 -8.62
N VAL A 322 14.92 19.49 -8.63
CA VAL A 322 15.41 18.41 -7.76
C VAL A 322 15.39 18.80 -6.29
N THR A 323 14.37 19.56 -5.86
CA THR A 323 14.25 20.01 -4.48
C THR A 323 15.57 20.56 -3.95
N ASN A 324 16.38 21.09 -4.86
CA ASN A 324 17.74 21.52 -4.57
C ASN A 324 17.80 23.04 -4.63
N PRO A 325 18.19 23.71 -3.55
CA PRO A 325 18.02 25.17 -3.50
C PRO A 325 18.89 25.93 -4.46
N LYS A 326 20.10 25.45 -4.77
CA LYS A 326 20.92 26.15 -5.78
C LYS A 326 20.25 26.08 -7.16
N ARG A 327 19.69 24.91 -7.50
CA ARG A 327 18.94 24.79 -8.75
C ARG A 327 17.68 25.63 -8.72
N ILE A 328 17.03 25.74 -7.56
CA ILE A 328 15.80 26.53 -7.48
C ILE A 328 16.14 27.99 -7.73
N GLU A 329 17.20 28.48 -7.09
CA GLU A 329 17.62 29.87 -7.29
C GLU A 329 17.86 30.18 -8.76
N ARG A 330 18.52 29.28 -9.48
CA ARG A 330 18.73 29.54 -10.89
C ARG A 330 17.41 29.52 -11.64
N ALA A 331 16.52 28.60 -11.27
CA ALA A 331 15.21 28.52 -11.92
C ALA A 331 14.37 29.76 -11.62
N VAL A 332 14.46 30.29 -10.40
CA VAL A 332 13.78 31.56 -10.11
C VAL A 332 14.39 32.67 -10.95
N GLU A 333 15.72 32.76 -10.96
CA GLU A 333 16.40 33.83 -11.68
C GLU A 333 16.04 33.84 -13.16
N GLU A 334 16.01 32.67 -13.80
CA GLU A 334 15.70 32.62 -15.23
C GLU A 334 14.21 32.53 -15.51
N LYS A 335 13.36 32.60 -14.48
CA LYS A 335 11.91 32.37 -14.63
C LYS A 335 11.64 31.08 -15.42
N ALA A 336 12.29 29.99 -15.00
CA ALA A 336 12.19 28.74 -15.74
C ALA A 336 10.84 28.07 -15.58
N CYS A 337 10.25 28.19 -14.39
CA CYS A 337 8.98 27.54 -14.07
C CYS A 337 8.26 28.40 -13.03
N ASN A 338 7.10 27.92 -12.57
CA ASN A 338 6.37 28.66 -11.55
C ASN A 338 5.81 27.73 -10.46
N CYS A 339 6.32 26.51 -10.37
CA CYS A 339 5.91 25.62 -9.29
C CYS A 339 7.06 24.66 -9.03
N LEU A 340 7.26 24.37 -7.75
CA LEU A 340 8.31 23.47 -7.30
C LEU A 340 7.67 22.15 -6.91
N LEU A 341 8.19 21.04 -7.44
CA LEU A 341 7.88 19.74 -6.87
C LEU A 341 8.74 19.54 -5.63
N LEU A 342 8.14 19.19 -4.51
CA LEU A 342 8.90 19.01 -3.26
C LEU A 342 8.98 17.53 -2.90
N LYS A 343 10.18 16.95 -3.06
CA LYS A 343 10.47 15.57 -2.66
C LYS A 343 11.48 15.66 -1.52
N VAL A 344 11.02 15.42 -0.28
CA VAL A 344 11.85 15.71 0.90
C VAL A 344 13.12 14.88 0.92
N ASN A 345 13.06 13.63 0.42
CA ASN A 345 14.27 12.82 0.49
C ASN A 345 15.30 13.21 -0.58
N GLN A 346 14.93 14.08 -1.54
CA GLN A 346 15.91 14.63 -2.47
C GLN A 346 16.81 15.66 -1.83
N ILE A 347 16.39 16.24 -0.71
CA ILE A 347 17.17 17.25 -0.01
C ILE A 347 17.71 16.72 1.31
N GLY A 348 16.91 15.93 2.03
CA GLY A 348 17.47 15.04 3.04
C GLY A 348 17.18 15.41 4.47
N SER A 349 16.49 16.52 4.73
CA SER A 349 16.12 16.87 6.09
C SER A 349 14.87 17.74 6.07
N VAL A 350 14.17 17.76 7.20
CA VAL A 350 12.93 18.54 7.29
C VAL A 350 13.23 20.01 7.14
N THR A 351 14.26 20.49 7.84
CA THR A 351 14.63 21.91 7.83
C THR A 351 14.90 22.38 6.41
N GLU A 352 15.76 21.67 5.68
CA GLU A 352 16.12 22.09 4.34
C GLU A 352 14.94 22.01 3.38
N ALA A 353 13.98 21.12 3.63
CA ALA A 353 12.83 21.07 2.73
C ALA A 353 11.87 22.21 2.99
N ILE A 354 11.76 22.64 4.25
CA ILE A 354 10.98 23.82 4.57
C ILE A 354 11.62 25.05 3.95
N GLN A 355 12.96 25.13 4.00
CA GLN A 355 13.62 26.24 3.34
C GLN A 355 13.45 26.20 1.83
N ALA A 356 13.57 25.01 1.21
CA ALA A 356 13.27 24.93 -0.23
C ALA A 356 11.87 25.46 -0.51
N CYS A 357 10.91 25.08 0.32
CA CYS A 357 9.53 25.49 0.08
C CYS A 357 9.35 26.99 0.24
N LYS A 358 9.94 27.59 1.28
CA LYS A 358 9.82 29.03 1.46
C LYS A 358 10.54 29.78 0.34
N LEU A 359 11.62 29.22 -0.19
CA LEU A 359 12.30 29.85 -1.33
C LEU A 359 11.36 30.00 -2.51
N ALA A 360 10.64 28.92 -2.85
CA ALA A 360 9.70 28.97 -3.97
C ALA A 360 8.56 29.94 -3.69
N GLN A 361 7.93 29.83 -2.52
CA GLN A 361 6.71 30.60 -2.24
C GLN A 361 7.00 32.09 -2.16
N GLU A 362 8.11 32.48 -1.51
CA GLU A 362 8.48 33.88 -1.45
C GLU A 362 8.74 34.48 -2.82
N ASN A 363 8.89 33.64 -3.86
CA ASN A 363 9.09 34.10 -5.22
C ASN A 363 7.86 33.87 -6.09
N GLY A 364 6.67 33.73 -5.49
CA GLY A 364 5.46 33.59 -6.27
C GLY A 364 5.17 32.21 -6.83
N TRP A 365 5.97 31.19 -6.49
CA TRP A 365 5.73 29.87 -7.04
C TRP A 365 4.69 29.11 -6.25
N GLY A 366 3.96 28.25 -6.93
CA GLY A 366 3.31 27.14 -6.26
C GLY A 366 4.32 26.12 -5.74
N VAL A 367 3.85 25.22 -4.87
CA VAL A 367 4.64 24.09 -4.41
C VAL A 367 3.72 22.87 -4.39
N MET A 368 4.14 21.78 -5.00
CA MET A 368 3.39 20.53 -4.95
C MET A 368 4.23 19.49 -4.21
N VAL A 369 3.81 19.15 -2.98
CA VAL A 369 4.47 18.08 -2.23
C VAL A 369 4.27 16.78 -3.00
N SER A 370 5.31 15.95 -3.06
CA SER A 370 5.28 14.75 -3.91
C SER A 370 5.72 13.50 -3.16
N HIS A 371 5.19 12.37 -3.60
CA HIS A 371 5.64 11.06 -3.17
C HIS A 371 6.88 10.66 -3.99
N ARG A 372 7.48 9.53 -3.61
CA ARG A 372 8.38 8.83 -4.53
C ARG A 372 7.66 7.58 -5.04
N SER A 373 8.17 7.03 -6.16
CA SER A 373 7.58 5.81 -6.72
C SER A 373 7.72 4.62 -5.77
N GLY A 374 8.79 4.58 -4.99
CA GLY A 374 8.85 3.65 -3.89
C GLY A 374 8.49 4.30 -2.57
N GLU A 375 7.29 4.06 -2.05
CA GLU A 375 6.81 4.69 -0.84
C GLU A 375 6.71 3.66 0.27
N THR A 376 6.36 4.12 1.47
CA THR A 376 6.11 3.23 2.60
C THR A 376 4.72 3.54 3.18
N GLU A 377 4.35 2.81 4.24
CA GLU A 377 3.14 3.10 4.99
C GLU A 377 3.22 4.43 5.76
N ASP A 378 4.35 5.14 5.70
CA ASP A 378 4.49 6.41 6.41
C ASP A 378 3.59 7.49 5.78
N THR A 379 3.08 8.39 6.61
CA THR A 379 2.15 9.44 6.14
C THR A 379 2.66 10.86 6.38
N PHE A 380 3.97 11.01 6.63
CA PHE A 380 4.50 12.29 7.08
C PHE A 380 4.19 13.40 6.09
N ILE A 381 4.28 13.11 4.79
CA ILE A 381 4.10 14.17 3.81
C ILE A 381 2.66 14.70 3.77
N ALA A 382 1.68 13.98 4.30
CA ALA A 382 0.34 14.54 4.41
C ALA A 382 0.32 15.68 5.43
N ASP A 383 0.94 15.45 6.60
CA ASP A 383 1.07 16.53 7.58
C ASP A 383 1.92 17.68 7.03
N LEU A 384 2.94 17.33 6.23
CA LEU A 384 3.83 18.34 5.65
C LEU A 384 3.09 19.28 4.71
N VAL A 385 2.28 18.73 3.79
CA VAL A 385 1.61 19.61 2.82
C VAL A 385 0.59 20.53 3.51
N VAL A 386 -0.03 20.07 4.59
CA VAL A 386 -0.96 20.92 5.32
C VAL A 386 -0.20 22.00 6.08
N GLY A 387 0.86 21.62 6.78
CA GLY A 387 1.65 22.59 7.54
C GLY A 387 2.32 23.62 6.66
N LEU A 388 2.77 23.22 5.47
CA LEU A 388 3.37 24.15 4.55
C LEU A 388 2.34 24.94 3.73
N CYS A 389 1.04 24.60 3.84
CA CYS A 389 -0.04 25.34 3.17
C CYS A 389 0.16 25.46 1.67
N THR A 390 0.64 24.39 1.01
CA THR A 390 0.96 24.54 -0.40
C THR A 390 -0.25 24.35 -1.30
N GLY A 391 -1.32 23.72 -0.80
CA GLY A 391 -2.52 23.54 -1.60
C GLY A 391 -2.48 22.45 -2.65
N GLN A 392 -1.41 21.67 -2.75
CA GLN A 392 -1.40 20.61 -3.76
C GLN A 392 -0.42 19.53 -3.38
N ILE A 393 -0.82 18.30 -3.63
CA ILE A 393 0.02 17.14 -3.36
C ILE A 393 -0.29 16.11 -4.44
N LYS A 394 0.75 15.44 -4.94
CA LYS A 394 0.56 14.26 -5.79
C LYS A 394 1.18 13.08 -5.05
N THR A 395 0.33 12.13 -4.65
CA THR A 395 0.87 11.00 -3.91
C THR A 395 0.20 9.71 -4.35
N GLY A 396 -0.10 9.61 -5.64
CA GLY A 396 -0.51 8.36 -6.26
C GLY A 396 -1.95 8.38 -6.72
N ALA A 397 -2.29 7.32 -7.46
CA ALA A 397 -3.68 6.95 -7.68
C ALA A 397 -4.36 6.66 -6.35
N PRO A 398 -5.73 6.67 -6.32
CA PRO A 398 -6.45 6.21 -5.13
C PRO A 398 -6.44 4.69 -5.06
N CYS A 399 -5.24 4.10 -5.13
CA CYS A 399 -5.06 2.66 -5.21
C CYS A 399 -3.67 2.36 -4.65
N ARG A 400 -3.54 1.25 -3.92
CA ARG A 400 -2.31 0.85 -3.22
C ARG A 400 -2.14 1.67 -1.96
N SER A 401 -1.96 1.01 -0.81
CA SER A 401 -2.10 1.70 0.47
C SER A 401 -0.89 2.57 0.83
N GLU A 402 0.25 2.41 0.17
CA GLU A 402 1.29 3.41 0.39
C GLU A 402 0.87 4.74 -0.21
N ARG A 403 -0.12 4.77 -1.09
CA ARG A 403 -0.73 6.01 -1.53
C ARG A 403 -1.93 6.38 -0.66
N LEU A 404 -2.88 5.45 -0.49
CA LEU A 404 -4.06 5.75 0.31
C LEU A 404 -3.71 6.14 1.74
N ALA A 405 -2.62 5.62 2.30
CA ALA A 405 -2.26 6.01 3.66
C ALA A 405 -2.11 7.52 3.77
N LYS A 406 -1.54 8.17 2.75
CA LYS A 406 -1.42 9.63 2.77
C LYS A 406 -2.78 10.29 2.67
N TYR A 407 -3.55 9.93 1.62
CA TYR A 407 -4.90 10.47 1.44
C TYR A 407 -5.79 10.24 2.66
N ASN A 408 -5.68 9.07 3.29
CA ASN A 408 -6.51 8.80 4.47
C ASN A 408 -6.13 9.72 5.62
N GLN A 409 -4.82 9.98 5.79
CA GLN A 409 -4.35 10.88 6.82
C GLN A 409 -4.82 12.32 6.55
N LEU A 410 -4.87 12.73 5.28
CA LEU A 410 -5.36 14.07 4.97
C LEU A 410 -6.84 14.21 5.34
N MET A 411 -7.63 13.16 5.10
CA MET A 411 -9.03 13.18 5.52
C MET A 411 -9.15 13.24 7.03
N ARG A 412 -8.23 12.58 7.77
CA ARG A 412 -8.25 12.68 9.22
C ARG A 412 -7.90 14.11 9.66
N ILE A 413 -6.95 14.75 8.97
CA ILE A 413 -6.58 16.12 9.31
C ILE A 413 -7.75 17.06 9.04
N GLU A 414 -8.45 16.86 7.93
CA GLU A 414 -9.62 17.70 7.65
C GLU A 414 -10.65 17.55 8.74
N GLU A 415 -10.89 16.33 9.18
CA GLU A 415 -11.84 16.08 10.25
C GLU A 415 -11.41 16.78 11.53
N GLU A 416 -10.13 16.70 11.88
CA GLU A 416 -9.63 17.34 13.08
C GLU A 416 -9.75 18.87 13.00
N LEU A 417 -9.45 19.44 11.83
CA LEU A 417 -9.48 20.89 11.69
C LEU A 417 -10.90 21.44 11.74
N GLY A 418 -11.88 20.66 11.29
CA GLY A 418 -13.27 21.06 11.47
C GLY A 418 -13.61 22.32 10.70
N ASP A 419 -14.34 23.22 11.36
CA ASP A 419 -14.81 24.44 10.69
C ASP A 419 -13.67 25.34 10.25
N GLU A 420 -12.46 25.16 10.76
CA GLU A 420 -11.31 25.92 10.32
C GLU A 420 -10.56 25.27 9.15
N ALA A 421 -11.02 24.10 8.67
CA ALA A 421 -10.44 23.49 7.48
C ALA A 421 -10.85 24.26 6.22
N ARG A 422 -9.85 24.70 5.44
CA ARG A 422 -10.07 25.31 4.13
C ARG A 422 -9.45 24.44 3.04
N PHE A 423 -10.24 24.09 2.02
CA PHE A 423 -9.81 23.27 0.90
C PHE A 423 -9.34 24.18 -0.23
N ALA A 424 -8.18 23.85 -0.84
CA ALA A 424 -7.54 24.79 -1.77
C ALA A 424 -8.32 24.97 -3.08
N GLY A 425 -9.03 23.94 -3.56
CA GLY A 425 -9.92 24.06 -4.71
C GLY A 425 -9.24 24.64 -5.94
N HIS A 426 -9.93 25.59 -6.59
CA HIS A 426 -9.37 26.22 -7.78
C HIS A 426 -8.16 27.11 -7.47
N ASN A 427 -7.83 27.31 -6.20
CA ASN A 427 -6.67 28.11 -5.81
C ASN A 427 -5.49 27.25 -5.36
N PHE A 428 -5.41 26.01 -5.88
CA PHE A 428 -4.31 25.12 -5.55
C PHE A 428 -2.97 25.77 -5.87
N ARG A 429 -2.94 26.72 -6.83
CA ARG A 429 -1.70 27.41 -7.17
C ARG A 429 -1.33 28.46 -6.14
N ASN A 430 -2.33 29.10 -5.51
CA ASN A 430 -2.11 30.26 -4.62
C ASN A 430 -3.13 30.20 -3.49
N PRO A 431 -3.02 29.19 -2.61
CA PRO A 431 -4.02 29.05 -1.53
C PRO A 431 -4.04 30.22 -0.53
N SER A 432 -3.05 31.12 -0.57
CA SER A 432 -2.98 32.23 0.37
C SER A 432 -4.17 33.17 0.25
N VAL A 433 -4.82 33.23 -0.92
CA VAL A 433 -5.95 34.14 -1.07
C VAL A 433 -7.22 33.64 -0.41
N LEU A 434 -7.20 32.47 0.22
CA LEU A 434 -8.45 31.86 0.68
C LEU A 434 -8.80 32.22 2.12
N HIS A 435 -7.83 32.23 3.03
CA HIS A 435 -8.13 32.25 4.45
C HIS A 435 -8.61 33.61 4.94
N HIS A 436 -9.62 33.58 5.80
CA HIS A 436 -10.25 34.77 6.36
C HIS A 436 -10.42 34.61 7.88
N SER B 2 -14.11 3.18 31.45
CA SER B 2 -12.86 2.63 30.93
C SER B 2 -12.53 3.21 29.55
N ILE B 3 -13.50 3.08 28.66
CA ILE B 3 -13.43 3.62 27.31
C ILE B 3 -13.93 5.06 27.36
N GLU B 4 -13.05 6.02 27.08
CA GLU B 4 -13.47 7.42 27.06
C GLU B 4 -14.31 7.76 25.83
N LYS B 5 -13.90 7.27 24.66
CA LYS B 5 -14.57 7.66 23.41
C LYS B 5 -14.33 6.61 22.33
N ILE B 6 -15.34 6.39 21.49
CA ILE B 6 -15.23 5.58 20.28
C ILE B 6 -15.75 6.42 19.13
N TRP B 7 -14.94 6.61 18.09
CA TRP B 7 -15.32 7.43 16.95
C TRP B 7 -14.92 6.72 15.67
N ALA B 8 -15.89 6.44 14.80
CA ALA B 8 -15.65 5.76 13.54
C ALA B 8 -15.70 6.73 12.38
N ARG B 9 -14.85 6.50 11.38
CA ARG B 9 -14.87 7.29 10.17
C ARG B 9 -14.73 6.37 8.96
N GLU B 10 -15.08 6.92 7.80
CA GLU B 10 -14.90 6.27 6.50
C GLU B 10 -13.52 6.60 5.96
N ILE B 11 -12.72 5.58 5.64
CA ILE B 11 -11.46 5.74 4.91
C ILE B 11 -11.49 4.91 3.63
N LEU B 12 -10.42 4.97 2.83
CA LEU B 12 -10.34 4.20 1.59
C LEU B 12 -9.36 3.03 1.74
N ASP B 13 -9.76 1.87 1.22
CA ASP B 13 -8.93 0.66 1.27
C ASP B 13 -7.97 0.64 0.08
N SER B 14 -7.24 -0.46 -0.07
CA SER B 14 -6.16 -0.50 -1.04
C SER B 14 -6.65 -0.60 -2.48
N ARG B 15 -7.92 -0.92 -2.69
CA ARG B 15 -8.49 -0.86 -4.03
C ARG B 15 -9.20 0.47 -4.30
N GLY B 16 -9.19 1.41 -3.35
CA GLY B 16 -9.90 2.66 -3.55
C GLY B 16 -11.37 2.63 -3.18
N ASN B 17 -11.84 1.57 -2.45
CA ASN B 17 -13.21 1.53 -1.97
C ASN B 17 -13.28 1.87 -0.48
N PRO B 18 -14.40 2.45 -0.06
CA PRO B 18 -14.55 2.84 1.35
C PRO B 18 -14.53 1.64 2.30
N THR B 19 -13.99 1.88 3.49
CA THR B 19 -14.09 0.92 4.57
C THR B 19 -14.15 1.69 5.88
N VAL B 20 -14.23 0.96 6.97
CA VAL B 20 -14.51 1.49 8.29
C VAL B 20 -13.20 1.60 9.06
N GLU B 21 -12.95 2.76 9.66
CA GLU B 21 -11.85 2.93 10.60
C GLU B 21 -12.42 3.37 11.94
N VAL B 22 -11.79 2.93 13.04
CA VAL B 22 -12.32 3.17 14.38
C VAL B 22 -11.22 3.75 15.27
N ASP B 23 -11.52 4.88 15.92
CA ASP B 23 -10.66 5.49 16.93
C ASP B 23 -11.23 5.14 18.31
N LEU B 24 -10.36 4.70 19.22
CA LEU B 24 -10.80 4.37 20.58
C LEU B 24 -9.86 5.02 21.58
N TYR B 25 -10.41 5.90 22.42
CA TYR B 25 -9.63 6.61 23.42
C TYR B 25 -9.86 5.98 24.79
N THR B 26 -8.76 5.70 25.48
CA THR B 26 -8.75 5.43 26.92
C THR B 26 -7.77 6.39 27.57
N ALA B 27 -7.66 6.29 28.90
CA ALA B 27 -6.66 7.06 29.63
C ALA B 27 -5.24 6.75 29.18
N LYS B 28 -5.03 5.69 28.40
CA LYS B 28 -3.70 5.37 27.89
C LYS B 28 -3.43 5.92 26.50
N GLY B 29 -4.43 6.48 25.82
CA GLY B 29 -4.20 7.14 24.55
C GLY B 29 -5.26 6.77 23.51
N LEU B 30 -4.87 6.97 22.25
CA LEU B 30 -5.71 6.70 21.09
C LEU B 30 -5.31 5.37 20.44
N PHE B 31 -6.31 4.51 20.20
CA PHE B 31 -6.08 3.20 19.59
C PHE B 31 -6.91 3.10 18.32
N ARG B 32 -6.24 2.88 17.19
CA ARG B 32 -6.84 2.98 15.87
C ARG B 32 -6.76 1.65 15.13
N ALA B 33 -7.86 1.28 14.47
CA ALA B 33 -7.91 0.05 13.70
C ALA B 33 -8.84 0.24 12.50
N ALA B 34 -8.54 -0.45 11.41
CA ALA B 34 -9.34 -0.37 10.20
C ALA B 34 -9.66 -1.78 9.70
N VAL B 35 -10.74 -1.89 8.93
CA VAL B 35 -11.37 -3.15 8.54
C VAL B 35 -11.09 -3.48 7.07
N PRO B 36 -10.73 -4.72 6.72
CA PRO B 36 -10.51 -5.08 5.32
C PRO B 36 -11.85 -5.23 4.57
N SER B 37 -11.74 -5.30 3.25
CA SER B 37 -12.91 -5.49 2.41
C SER B 37 -13.51 -6.86 2.66
N GLY B 38 -14.84 -6.94 2.63
CA GLY B 38 -15.52 -8.19 2.86
C GLY B 38 -16.63 -8.46 1.88
N ALA B 39 -17.43 -9.49 2.14
CA ALA B 39 -18.62 -9.77 1.33
C ALA B 39 -19.85 -9.24 2.06
N SER B 40 -20.79 -8.69 1.29
CA SER B 40 -22.07 -8.26 1.84
C SER B 40 -23.21 -9.21 1.52
N THR B 41 -22.96 -10.26 0.72
CA THR B 41 -24.01 -11.17 0.26
C THR B 41 -23.64 -12.65 0.40
N GLY B 42 -22.69 -12.99 1.26
CA GLY B 42 -22.38 -14.39 1.51
C GLY B 42 -23.51 -15.13 2.21
N ILE B 43 -23.53 -16.45 2.06
CA ILE B 43 -24.59 -17.26 2.64
C ILE B 43 -24.23 -17.76 4.04
N TYR B 44 -22.95 -17.97 4.31
CA TYR B 44 -22.48 -18.35 5.64
C TYR B 44 -21.62 -17.29 6.30
N GLU B 45 -20.95 -16.47 5.49
CA GLU B 45 -20.10 -15.38 5.92
C GLU B 45 -20.86 -14.40 6.82
N ALA B 46 -20.15 -13.83 7.80
CA ALA B 46 -20.56 -12.56 8.37
C ALA B 46 -20.61 -11.51 7.26
N LEU B 47 -21.65 -10.69 7.27
CA LEU B 47 -21.88 -9.80 6.13
C LEU B 47 -21.48 -8.38 6.47
N GLU B 48 -20.80 -7.73 5.54
CA GLU B 48 -20.46 -6.32 5.71
C GLU B 48 -21.65 -5.47 5.26
N LEU B 49 -21.80 -4.31 5.90
CA LEU B 49 -22.87 -3.38 5.56
C LEU B 49 -22.32 -2.31 4.61
N ARG B 50 -22.87 -2.24 3.40
CA ARG B 50 -22.61 -1.17 2.45
C ARG B 50 -23.86 -0.34 2.21
N ASP B 51 -23.65 0.92 1.80
CA ASP B 51 -24.75 1.89 1.70
C ASP B 51 -25.64 1.63 0.49
N GLY B 52 -25.04 1.36 -0.67
CA GLY B 52 -25.84 1.26 -1.88
C GLY B 52 -26.43 2.57 -2.36
N ASP B 53 -25.81 3.70 -2.02
CA ASP B 53 -26.20 5.01 -2.52
C ASP B 53 -25.38 5.28 -3.78
N LYS B 54 -26.04 5.25 -4.94
CA LYS B 54 -25.34 5.36 -6.22
C LYS B 54 -24.74 6.75 -6.46
N GLN B 55 -25.12 7.75 -5.66
CA GLN B 55 -24.47 9.06 -5.74
C GLN B 55 -23.13 9.11 -5.00
N ARG B 56 -22.71 8.03 -4.33
CA ARG B 56 -21.54 8.10 -3.46
C ARG B 56 -20.72 6.84 -3.66
N TYR B 57 -19.52 6.98 -4.22
CA TYR B 57 -18.60 5.85 -4.37
C TYR B 57 -19.25 4.68 -5.10
N LEU B 58 -20.18 4.99 -6.01
CA LEU B 58 -20.91 3.99 -6.80
C LEU B 58 -21.58 2.94 -5.89
N GLY B 59 -22.25 3.44 -4.85
CA GLY B 59 -22.97 2.56 -3.95
C GLY B 59 -22.14 1.87 -2.88
N LYS B 60 -20.81 2.04 -2.87
CA LYS B 60 -19.94 1.32 -1.97
C LYS B 60 -19.67 2.02 -0.62
N GLY B 61 -20.36 3.13 -0.31
CA GLY B 61 -20.10 3.81 0.94
C GLY B 61 -20.37 2.92 2.15
N VAL B 62 -19.80 3.30 3.30
CA VAL B 62 -20.00 2.57 4.55
C VAL B 62 -20.46 3.54 5.65
N LEU B 63 -21.19 4.59 5.24
CA LEU B 63 -21.72 5.55 6.21
C LEU B 63 -22.68 4.92 7.20
N LYS B 64 -23.56 4.02 6.74
CA LYS B 64 -24.46 3.32 7.66
C LYS B 64 -23.72 2.59 8.76
N ALA B 65 -22.69 1.81 8.40
CA ALA B 65 -21.89 1.13 9.42
C ALA B 65 -21.25 2.12 10.38
N VAL B 66 -20.70 3.20 9.86
CA VAL B 66 -20.09 4.22 10.72
C VAL B 66 -21.13 4.80 11.67
N ASP B 67 -22.32 5.09 11.17
CA ASP B 67 -23.39 5.59 12.02
C ASP B 67 -23.81 4.58 13.09
N HIS B 68 -23.88 3.29 12.75
CA HIS B 68 -24.19 2.29 13.78
C HIS B 68 -23.16 2.32 14.90
N ILE B 69 -21.88 2.45 14.56
CA ILE B 69 -20.85 2.57 15.59
C ILE B 69 -21.07 3.84 16.39
N ASN B 70 -21.17 4.99 15.72
CA ASN B 70 -21.13 6.25 16.45
C ASN B 70 -22.41 6.47 17.26
N SER B 71 -23.56 6.05 16.73
CA SER B 71 -24.84 6.28 17.39
C SER B 71 -25.27 5.17 18.34
N THR B 72 -24.76 3.95 18.21
CA THR B 72 -25.33 2.83 18.96
C THR B 72 -24.30 2.01 19.72
N ILE B 73 -23.33 1.44 19.01
CA ILE B 73 -22.36 0.59 19.68
C ILE B 73 -21.52 1.40 20.66
N ALA B 74 -21.11 2.61 20.26
CA ALA B 74 -20.21 3.39 21.10
C ALA B 74 -20.82 3.74 22.46
N PRO B 75 -22.03 4.30 22.56
CA PRO B 75 -22.54 4.57 23.91
C PRO B 75 -22.82 3.31 24.70
N ALA B 76 -23.36 2.26 24.07
CA ALA B 76 -23.58 0.99 24.76
C ALA B 76 -22.31 0.49 25.43
N LEU B 77 -21.20 0.46 24.68
CA LEU B 77 -19.96 -0.08 25.22
C LEU B 77 -19.36 0.83 26.28
N ILE B 78 -19.46 2.14 26.09
CA ILE B 78 -19.02 3.06 27.13
C ILE B 78 -19.88 2.90 28.37
N SER B 79 -21.20 2.77 28.18
CA SER B 79 -22.12 2.56 29.30
C SER B 79 -21.82 1.29 30.09
N SER B 80 -21.36 0.24 29.41
CA SER B 80 -21.13 -1.04 30.07
C SER B 80 -20.15 -0.93 31.22
N GLY B 81 -19.24 0.04 31.18
CA GLY B 81 -18.22 0.15 32.20
C GLY B 81 -17.21 -0.97 32.23
N LEU B 82 -17.26 -1.90 31.28
CA LEU B 82 -16.29 -2.98 31.23
C LEU B 82 -14.93 -2.42 30.81
N SER B 83 -13.87 -2.96 31.40
CA SER B 83 -12.53 -2.51 31.04
C SER B 83 -12.16 -3.03 29.64
N VAL B 84 -11.17 -2.38 29.03
CA VAL B 84 -10.78 -2.79 27.68
C VAL B 84 -10.08 -4.15 27.65
N VAL B 85 -9.59 -4.63 28.79
CA VAL B 85 -8.96 -5.95 28.83
C VAL B 85 -9.98 -7.04 28.60
N GLU B 86 -11.24 -6.79 28.96
CA GLU B 86 -12.28 -7.82 28.93
C GLU B 86 -12.76 -8.00 27.49
N GLN B 87 -11.85 -8.49 26.66
CA GLN B 87 -12.13 -8.60 25.22
C GLN B 87 -13.42 -9.37 24.98
N GLU B 88 -13.56 -10.52 25.66
CA GLU B 88 -14.64 -11.44 25.34
C GLU B 88 -15.99 -10.92 25.80
N LYS B 89 -16.03 -10.26 26.97
CA LYS B 89 -17.27 -9.63 27.41
C LYS B 89 -17.66 -8.45 26.53
N LEU B 90 -16.68 -7.67 26.07
CA LEU B 90 -17.00 -6.56 25.17
C LEU B 90 -17.53 -7.07 23.83
N ASP B 91 -16.92 -8.14 23.29
CA ASP B 91 -17.34 -8.68 22.00
C ASP B 91 -18.74 -9.28 22.07
N ASN B 92 -19.07 -9.96 23.18
CA ASN B 92 -20.40 -10.53 23.31
C ASN B 92 -21.48 -9.45 23.40
N LEU B 93 -21.16 -8.30 23.98
CA LEU B 93 -22.11 -7.19 24.06
C LEU B 93 -22.48 -6.68 22.67
N MET B 94 -21.48 -6.50 21.79
CA MET B 94 -21.78 -6.10 20.41
C MET B 94 -22.56 -7.18 19.70
N LEU B 95 -22.21 -8.45 19.95
CA LEU B 95 -22.93 -9.56 19.35
C LEU B 95 -24.40 -9.55 19.74
N GLU B 96 -24.68 -9.27 21.02
CA GLU B 96 -26.07 -9.25 21.49
C GLU B 96 -26.82 -8.04 20.94
N LEU B 97 -26.17 -6.88 20.89
CA LEU B 97 -26.79 -5.68 20.33
C LEU B 97 -27.19 -5.88 18.88
N ASP B 98 -26.35 -6.53 18.09
CA ASP B 98 -26.73 -6.84 16.71
C ASP B 98 -27.82 -7.92 16.69
N GLY B 99 -27.65 -8.97 17.48
CA GLY B 99 -28.66 -10.02 17.57
C GLY B 99 -28.97 -10.70 16.26
N THR B 100 -27.99 -10.84 15.38
CA THR B 100 -28.10 -11.68 14.19
C THR B 100 -26.83 -12.51 14.06
N GLU B 101 -26.97 -13.73 13.51
CA GLU B 101 -25.83 -14.64 13.43
C GLU B 101 -24.75 -14.14 12.48
N ASN B 102 -25.14 -13.51 11.37
CA ASN B 102 -24.19 -13.04 10.38
C ASN B 102 -23.90 -11.54 10.48
N LYS B 103 -24.31 -10.90 11.59
CA LYS B 103 -23.98 -9.51 11.88
C LYS B 103 -24.51 -8.53 10.83
N SER B 104 -25.74 -8.77 10.35
CA SER B 104 -26.30 -7.98 9.27
C SER B 104 -27.15 -6.81 9.75
N LYS B 105 -27.21 -6.57 11.06
CA LYS B 105 -27.85 -5.36 11.55
C LYS B 105 -26.87 -4.19 11.52
N PHE B 106 -25.77 -4.30 12.27
CA PHE B 106 -24.78 -3.24 12.28
C PHE B 106 -23.78 -3.38 11.14
N GLY B 107 -23.54 -4.61 10.67
CA GLY B 107 -22.51 -4.87 9.70
C GLY B 107 -21.32 -5.53 10.35
N ALA B 108 -20.76 -6.56 9.71
CA ALA B 108 -19.56 -7.19 10.26
C ALA B 108 -18.40 -6.20 10.28
N ASN B 109 -18.40 -5.24 9.34
CA ASN B 109 -17.35 -4.22 9.33
C ASN B 109 -17.48 -3.28 10.53
N ALA B 110 -18.71 -3.01 10.99
CA ALA B 110 -18.85 -2.14 12.16
C ALA B 110 -18.39 -2.86 13.42
N ILE B 111 -18.80 -4.12 13.60
CA ILE B 111 -18.47 -4.84 14.82
C ILE B 111 -16.96 -5.11 14.89
N LEU B 112 -16.36 -5.52 13.78
CA LEU B 112 -14.95 -5.88 13.82
C LEU B 112 -14.07 -4.67 14.14
N GLY B 113 -14.34 -3.52 13.51
CA GLY B 113 -13.53 -2.34 13.76
C GLY B 113 -13.44 -1.99 15.23
N VAL B 114 -14.58 -2.01 15.91
CA VAL B 114 -14.55 -1.79 17.36
C VAL B 114 -13.81 -2.92 18.06
N SER B 115 -14.06 -4.17 17.63
CA SER B 115 -13.39 -5.28 18.29
C SER B 115 -11.88 -5.14 18.21
N LEU B 116 -11.35 -4.77 17.04
CA LEU B 116 -9.91 -4.62 16.89
C LEU B 116 -9.38 -3.48 17.74
N ALA B 117 -10.07 -2.33 17.74
CA ALA B 117 -9.61 -1.19 18.54
C ALA B 117 -9.65 -1.52 20.02
N VAL B 118 -10.70 -2.23 20.47
CA VAL B 118 -10.74 -2.66 21.87
C VAL B 118 -9.51 -3.48 22.21
N CYS B 119 -9.16 -4.43 21.34
CA CYS B 119 -8.03 -5.34 21.59
C CYS B 119 -6.72 -4.57 21.75
N LYS B 120 -6.49 -3.58 20.88
CA LYS B 120 -5.29 -2.76 20.98
C LYS B 120 -5.29 -1.94 22.26
N ALA B 121 -6.46 -1.41 22.65
CA ALA B 121 -6.56 -0.71 23.92
C ALA B 121 -6.32 -1.66 25.10
N GLY B 122 -6.75 -2.91 24.97
CA GLY B 122 -6.57 -3.87 26.06
C GLY B 122 -5.11 -4.27 26.26
N ALA B 123 -4.38 -4.45 25.17
CA ALA B 123 -2.94 -4.69 25.27
C ALA B 123 -2.27 -3.61 26.08
N ALA B 124 -2.50 -2.34 25.71
CA ALA B 124 -1.82 -1.24 26.39
C ALA B 124 -2.23 -1.18 27.85
N GLU B 125 -3.51 -1.41 28.14
CA GLU B 125 -3.97 -1.40 29.53
C GLU B 125 -3.24 -2.46 30.35
N ARG B 126 -2.94 -3.61 29.75
CA ARG B 126 -2.19 -4.68 30.39
C ARG B 126 -0.69 -4.50 30.23
N GLU B 127 -0.24 -3.39 29.65
CA GLU B 127 1.18 -3.11 29.45
C GLU B 127 1.88 -4.24 28.70
N LEU B 128 1.22 -4.71 27.63
CA LEU B 128 1.72 -5.78 26.79
C LEU B 128 1.68 -5.37 25.33
N PRO B 129 2.67 -5.76 24.52
CA PRO B 129 2.51 -5.62 23.07
C PRO B 129 1.35 -6.48 22.60
N LEU B 130 0.71 -6.02 21.51
CA LEU B 130 -0.57 -6.58 21.11
C LEU B 130 -0.53 -8.11 20.95
N TYR B 131 0.58 -8.64 20.44
CA TYR B 131 0.64 -10.07 20.16
C TYR B 131 0.72 -10.91 21.44
N ARG B 132 1.33 -10.37 22.50
CA ARG B 132 1.29 -11.04 23.79
C ARG B 132 -0.11 -10.99 24.38
N HIS B 133 -0.80 -9.85 24.25
CA HIS B 133 -2.18 -9.77 24.71
C HIS B 133 -3.05 -10.78 23.98
N ILE B 134 -2.82 -10.94 22.67
CA ILE B 134 -3.59 -11.92 21.91
C ILE B 134 -3.25 -13.33 22.36
N ALA B 135 -1.97 -13.60 22.64
CA ALA B 135 -1.59 -14.92 23.16
C ALA B 135 -2.33 -15.24 24.45
N GLN B 136 -2.50 -14.26 25.33
CA GLN B 136 -3.17 -14.52 26.60
C GLN B 136 -4.66 -14.74 26.41
N LEU B 137 -5.30 -13.95 25.53
CA LEU B 137 -6.70 -14.19 25.22
C LEU B 137 -6.92 -15.55 24.61
N ALA B 138 -5.89 -16.16 24.02
CA ALA B 138 -6.01 -17.42 23.32
C ALA B 138 -5.50 -18.62 24.10
N GLY B 139 -4.91 -18.38 25.27
CA GLY B 139 -4.33 -19.44 26.07
C GLY B 139 -3.01 -19.97 25.59
N ASN B 140 -2.24 -19.17 24.85
CA ASN B 140 -0.93 -19.59 24.37
C ASN B 140 0.17 -18.94 25.19
N SER B 141 1.20 -19.71 25.49
CA SER B 141 2.37 -19.21 26.18
C SER B 141 3.57 -19.13 25.25
N ASP B 142 3.41 -19.49 23.99
CA ASP B 142 4.49 -19.47 23.03
C ASP B 142 4.22 -18.44 21.96
N LEU B 143 5.27 -18.13 21.21
CA LEU B 143 5.19 -17.12 20.15
C LEU B 143 6.09 -17.59 19.03
N ILE B 144 5.54 -17.72 17.84
CA ILE B 144 6.28 -18.25 16.71
C ILE B 144 6.06 -17.33 15.51
N LEU B 145 7.14 -17.00 14.82
CA LEU B 145 7.06 -16.21 13.60
C LEU B 145 6.56 -17.09 12.47
N PRO B 146 5.65 -16.61 11.63
CA PRO B 146 5.11 -17.46 10.57
C PRO B 146 6.00 -17.49 9.35
N VAL B 147 5.94 -18.60 8.63
CA VAL B 147 6.38 -18.65 7.23
C VAL B 147 5.44 -17.79 6.40
N PRO B 148 5.93 -16.84 5.60
CA PRO B 148 5.02 -16.06 4.74
C PRO B 148 4.73 -16.76 3.41
N ALA B 149 3.49 -16.63 2.93
CA ALA B 149 3.07 -17.15 1.63
C ALA B 149 2.90 -15.99 0.66
N PHE B 150 3.83 -15.84 -0.30
CA PHE B 150 3.87 -14.67 -1.19
C PHE B 150 3.14 -14.96 -2.48
N ASN B 151 2.04 -14.24 -2.73
CA ASN B 151 1.37 -14.31 -4.02
C ASN B 151 2.30 -13.80 -5.13
N VAL B 152 2.46 -14.56 -6.22
CA VAL B 152 3.37 -14.13 -7.28
C VAL B 152 2.74 -14.16 -8.67
N ILE B 153 1.88 -15.13 -8.96
CA ILE B 153 1.27 -15.28 -10.27
C ILE B 153 -0.23 -15.46 -10.07
N ASN B 154 -1.04 -14.85 -10.94
CA ASN B 154 -2.48 -14.81 -10.80
C ASN B 154 -3.18 -15.27 -12.07
N GLY B 155 -4.29 -15.99 -11.88
CA GLY B 155 -5.16 -16.38 -12.97
C GLY B 155 -6.59 -16.35 -12.47
N GLY B 156 -7.43 -17.23 -12.98
CA GLY B 156 -8.76 -17.30 -12.43
C GLY B 156 -9.56 -16.04 -12.76
N SER B 157 -10.65 -15.88 -12.01
CA SER B 157 -11.65 -14.87 -12.38
C SER B 157 -11.02 -13.48 -12.49
N HIS B 158 -10.05 -13.15 -11.64
CA HIS B 158 -9.48 -11.80 -11.68
C HIS B 158 -8.10 -11.77 -12.34
N ALA B 159 -7.99 -12.36 -13.54
CA ALA B 159 -6.85 -12.13 -14.40
C ALA B 159 -7.31 -12.37 -15.83
N GLY B 160 -6.83 -11.52 -16.74
CA GLY B 160 -7.29 -11.58 -18.10
C GLY B 160 -6.66 -12.64 -18.96
N ASN B 161 -5.76 -13.45 -18.42
CA ASN B 161 -5.10 -14.53 -19.16
C ASN B 161 -6.04 -15.72 -19.27
N LYS B 162 -5.51 -16.87 -19.71
CA LYS B 162 -6.30 -18.09 -19.86
C LYS B 162 -6.09 -19.08 -18.72
N LEU B 163 -5.31 -18.72 -17.70
CA LEU B 163 -5.02 -19.59 -16.57
C LEU B 163 -6.27 -19.79 -15.71
N ALA B 164 -6.69 -21.03 -15.53
CA ALA B 164 -7.91 -21.27 -14.76
C ALA B 164 -7.69 -21.02 -13.27
N MET B 165 -6.53 -21.41 -12.74
CA MET B 165 -6.27 -21.36 -11.31
C MET B 165 -5.84 -19.97 -10.85
N GLN B 166 -6.22 -19.63 -9.62
CA GLN B 166 -6.31 -18.23 -9.23
C GLN B 166 -4.97 -17.65 -8.78
N GLU B 167 -4.24 -18.35 -7.92
CA GLU B 167 -3.01 -17.74 -7.41
C GLU B 167 -1.97 -18.80 -7.06
N PHE B 168 -0.74 -18.51 -7.46
CA PHE B 168 0.43 -19.28 -7.11
C PHE B 168 1.27 -18.46 -6.15
N MET B 169 1.71 -19.08 -5.05
CA MET B 169 2.45 -18.43 -3.99
C MET B 169 3.77 -19.14 -3.79
N ILE B 170 4.71 -18.45 -3.13
CA ILE B 170 5.95 -19.08 -2.69
C ILE B 170 6.08 -18.95 -1.18
N LEU B 171 6.61 -20.01 -0.56
CA LEU B 171 6.78 -20.11 0.88
C LEU B 171 8.24 -20.35 1.19
N PRO B 172 8.96 -19.41 1.78
CA PRO B 172 10.39 -19.68 2.12
C PRO B 172 10.55 -20.51 3.39
N VAL B 173 10.13 -21.79 3.31
CA VAL B 173 10.18 -22.69 4.47
C VAL B 173 11.59 -22.84 5.01
N GLY B 174 12.60 -22.78 4.15
CA GLY B 174 13.96 -22.97 4.62
C GLY B 174 14.74 -21.70 4.93
N ALA B 175 14.06 -20.58 5.21
CA ALA B 175 14.81 -19.39 5.62
C ALA B 175 15.27 -19.53 7.07
N GLU B 176 16.33 -18.79 7.40
CA GLU B 176 16.89 -18.82 8.74
C GLU B 176 16.04 -18.07 9.76
N SER B 177 15.13 -17.20 9.33
CA SER B 177 14.28 -16.46 10.25
C SER B 177 13.20 -15.75 9.43
N PHE B 178 12.36 -14.97 10.10
CA PHE B 178 11.36 -14.23 9.32
C PHE B 178 12.01 -13.14 8.49
N ARG B 179 12.96 -12.41 9.08
CA ARG B 179 13.70 -11.41 8.32
C ARG B 179 14.36 -12.01 7.10
N ASP B 180 14.97 -13.19 7.27
CA ASP B 180 15.57 -13.89 6.13
C ASP B 180 14.50 -14.32 5.13
N ALA B 181 13.33 -14.72 5.63
CA ALA B 181 12.23 -15.11 4.76
C ALA B 181 11.74 -13.94 3.90
N MET B 182 11.75 -12.69 4.42
CA MET B 182 11.38 -11.58 3.53
C MET B 182 12.41 -11.39 2.44
N ARG B 183 13.69 -11.48 2.78
CA ARG B 183 14.74 -11.35 1.78
C ARG B 183 14.57 -12.38 0.67
N LEU B 184 14.39 -13.66 1.03
CA LEU B 184 14.19 -14.72 0.04
C LEU B 184 12.96 -14.45 -0.84
N GLY B 185 11.84 -14.09 -0.23
CA GLY B 185 10.64 -13.84 -1.04
C GLY B 185 10.79 -12.63 -1.97
N ALA B 186 11.39 -11.54 -1.47
CA ALA B 186 11.56 -10.35 -2.30
C ALA B 186 12.51 -10.63 -3.48
N GLU B 187 13.62 -11.32 -3.21
CA GLU B 187 14.59 -11.64 -4.25
C GLU B 187 13.99 -12.57 -5.30
N VAL B 188 13.16 -13.52 -4.91
CA VAL B 188 12.50 -14.34 -5.92
C VAL B 188 11.47 -13.51 -6.69
N TYR B 189 10.72 -12.67 -5.98
CA TYR B 189 9.75 -11.80 -6.62
C TYR B 189 10.41 -10.91 -7.67
N HIS B 190 11.53 -10.29 -7.31
CA HIS B 190 12.18 -9.42 -8.29
C HIS B 190 12.79 -10.23 -9.42
N THR B 191 13.35 -11.40 -9.11
CA THR B 191 13.83 -12.27 -10.19
C THR B 191 12.71 -12.59 -11.16
N LEU B 192 11.55 -13.02 -10.63
CA LEU B 192 10.39 -13.32 -11.47
C LEU B 192 10.00 -12.11 -12.34
N LYS B 193 9.97 -10.92 -11.76
CA LYS B 193 9.64 -9.73 -12.54
C LYS B 193 10.54 -9.65 -13.77
N GLY B 194 11.84 -9.93 -13.60
CA GLY B 194 12.76 -9.89 -14.72
C GLY B 194 12.51 -10.99 -15.73
N VAL B 195 12.27 -12.22 -15.27
CA VAL B 195 11.91 -13.30 -16.18
C VAL B 195 10.69 -12.90 -17.00
N ILE B 196 9.67 -12.37 -16.32
CA ILE B 196 8.42 -12.03 -16.99
C ILE B 196 8.62 -10.90 -17.99
N LYS B 197 9.42 -9.89 -17.63
CA LYS B 197 9.67 -8.79 -18.56
C LYS B 197 10.35 -9.29 -19.85
N ASP B 198 11.35 -10.16 -19.72
CA ASP B 198 12.00 -10.74 -20.89
C ASP B 198 11.02 -11.62 -21.68
N LYS B 199 10.39 -12.60 -21.02
CA LYS B 199 9.52 -13.53 -21.73
C LYS B 199 8.30 -12.83 -22.32
N TYR B 200 7.68 -11.91 -21.57
CA TYR B 200 6.36 -11.43 -21.96
C TYR B 200 6.29 -9.94 -22.29
N GLY B 201 7.18 -9.12 -21.78
CA GLY B 201 7.13 -7.70 -22.08
C GLY B 201 6.86 -6.87 -20.84
N LYS B 202 7.30 -5.61 -20.90
CA LYS B 202 7.22 -4.71 -19.75
C LYS B 202 5.81 -4.64 -19.16
N ASP B 203 4.80 -4.48 -20.02
CA ASP B 203 3.42 -4.38 -19.56
C ASP B 203 3.01 -5.56 -18.68
N ALA B 204 3.56 -6.75 -18.95
CA ALA B 204 3.19 -7.92 -18.18
C ALA B 204 3.74 -7.88 -16.76
N THR B 205 4.43 -6.81 -16.37
CA THR B 205 4.92 -6.72 -15.00
C THR B 205 4.10 -5.78 -14.14
N ASN B 206 2.96 -5.29 -14.62
CA ASN B 206 2.03 -4.59 -13.75
C ASN B 206 1.34 -5.59 -12.83
N VAL B 207 0.86 -5.10 -11.67
CA VAL B 207 0.46 -5.99 -10.57
C VAL B 207 -1.05 -5.96 -10.39
N GLY B 208 -1.57 -7.07 -9.85
CA GLY B 208 -2.96 -7.14 -9.46
C GLY B 208 -3.17 -6.62 -8.05
N ASP B 209 -4.37 -6.90 -7.53
CA ASP B 209 -4.78 -6.38 -6.23
C ASP B 209 -3.80 -6.77 -5.13
N GLU B 210 -3.21 -7.96 -5.23
CA GLU B 210 -2.35 -8.49 -4.18
C GLU B 210 -0.88 -8.27 -4.44
N GLY B 211 -0.52 -7.62 -5.55
CA GLY B 211 0.85 -7.34 -5.85
C GLY B 211 1.51 -8.35 -6.76
N GLY B 212 0.83 -9.45 -7.09
CA GLY B 212 1.35 -10.47 -7.99
C GLY B 212 1.15 -10.12 -9.46
N PHE B 213 1.70 -10.97 -10.32
CA PHE B 213 1.71 -10.73 -11.75
C PHE B 213 0.65 -11.57 -12.44
N ALA B 214 0.24 -11.14 -13.64
CA ALA B 214 -0.72 -11.92 -14.43
C ALA B 214 -0.35 -11.90 -15.92
N PRO B 215 0.81 -12.43 -16.29
CA PRO B 215 1.17 -12.49 -17.72
C PRO B 215 0.25 -13.45 -18.46
N ASN B 216 0.32 -13.41 -19.79
CA ASN B 216 -0.67 -14.08 -20.65
C ASN B 216 -0.23 -15.52 -20.88
N ILE B 217 -0.53 -16.38 -19.91
CA ILE B 217 -0.20 -17.78 -19.99
C ILE B 217 -1.50 -18.60 -19.91
N LEU B 218 -1.52 -19.72 -20.63
CA LEU B 218 -2.73 -20.52 -20.75
C LEU B 218 -2.75 -21.70 -19.80
N GLU B 219 -1.69 -22.48 -19.75
CA GLU B 219 -1.72 -23.71 -18.99
C GLU B 219 -1.12 -23.50 -17.62
N ASN B 220 -1.73 -24.14 -16.61
CA ASN B 220 -1.26 -24.02 -15.24
C ASN B 220 0.16 -24.55 -15.08
N SER B 221 0.52 -25.58 -15.85
CA SER B 221 1.89 -26.10 -15.78
C SER B 221 2.88 -25.02 -16.19
N GLU B 222 2.50 -24.18 -17.15
CA GLU B 222 3.36 -23.07 -17.56
C GLU B 222 3.56 -22.08 -16.42
N ALA B 223 2.53 -21.86 -15.59
CA ALA B 223 2.70 -20.96 -14.45
C ALA B 223 3.62 -21.58 -13.40
N LEU B 224 3.48 -22.89 -13.15
CA LEU B 224 4.33 -23.54 -12.16
C LEU B 224 5.79 -23.52 -12.60
N GLU B 225 6.05 -23.77 -13.88
CA GLU B 225 7.42 -23.67 -14.40
C GLU B 225 7.99 -22.27 -14.18
N LEU B 226 7.18 -21.24 -14.43
CA LEU B 226 7.66 -19.86 -14.26
C LEU B 226 8.11 -19.63 -12.83
N VAL B 227 7.30 -20.03 -11.85
CA VAL B 227 7.70 -19.89 -10.46
C VAL B 227 8.99 -20.67 -10.17
N LYS B 228 9.07 -21.91 -10.65
CA LYS B 228 10.25 -22.73 -10.38
C LYS B 228 11.50 -22.09 -11.00
N GLU B 229 11.36 -21.58 -12.22
CA GLU B 229 12.48 -20.90 -12.88
C GLU B 229 12.96 -19.70 -12.05
N ALA B 230 12.04 -18.92 -11.47
CA ALA B 230 12.46 -17.76 -10.68
C ALA B 230 13.15 -18.18 -9.39
N ILE B 231 12.57 -19.17 -8.70
CA ILE B 231 13.21 -19.75 -7.51
C ILE B 231 14.61 -20.23 -7.84
N ASP B 232 14.76 -20.94 -8.97
CA ASP B 232 16.05 -21.47 -9.39
C ASP B 232 17.05 -20.34 -9.65
N LYS B 233 16.73 -19.45 -10.59
CA LYS B 233 17.66 -18.35 -10.90
C LYS B 233 17.98 -17.53 -9.67
N ALA B 234 17.03 -17.36 -8.75
CA ALA B 234 17.33 -16.66 -7.51
C ALA B 234 18.27 -17.44 -6.62
N GLY B 235 18.45 -18.74 -6.88
CA GLY B 235 19.37 -19.57 -6.12
C GLY B 235 18.81 -20.25 -4.89
N TYR B 236 17.50 -20.41 -4.78
CA TYR B 236 16.91 -20.91 -3.54
C TYR B 236 16.06 -22.15 -3.75
N THR B 237 16.39 -22.98 -4.75
CA THR B 237 15.63 -24.21 -4.99
C THR B 237 15.50 -25.06 -3.73
N GLU B 238 16.49 -25.03 -2.87
CA GLU B 238 16.42 -25.83 -1.65
C GLU B 238 15.52 -25.20 -0.59
N LYS B 239 15.19 -23.90 -0.69
CA LYS B 239 14.63 -23.21 0.46
C LYS B 239 13.21 -22.69 0.27
N ILE B 240 12.65 -22.79 -0.93
CA ILE B 240 11.36 -22.18 -1.21
C ILE B 240 10.47 -23.19 -1.91
N VAL B 241 9.27 -23.38 -1.39
CA VAL B 241 8.29 -24.27 -1.98
C VAL B 241 7.09 -23.47 -2.47
N ILE B 242 6.06 -24.16 -2.96
CA ILE B 242 5.00 -23.52 -3.71
C ILE B 242 3.67 -23.83 -3.05
N GLY B 243 2.85 -22.79 -2.91
CA GLY B 243 1.47 -22.96 -2.48
C GLY B 243 0.54 -22.60 -3.62
N MET B 244 -0.67 -23.13 -3.62
CA MET B 244 -1.65 -22.83 -4.64
C MET B 244 -2.98 -22.49 -3.99
N ASP B 245 -3.72 -21.58 -4.62
CA ASP B 245 -5.14 -21.37 -4.36
C ASP B 245 -5.84 -21.50 -5.71
N VAL B 246 -6.54 -22.63 -5.90
CA VAL B 246 -7.22 -22.91 -7.16
C VAL B 246 -8.54 -22.15 -7.29
N ALA B 247 -9.23 -21.90 -6.19
CA ALA B 247 -10.58 -21.31 -6.18
C ALA B 247 -11.50 -22.03 -7.16
N ALA B 248 -11.59 -23.35 -7.01
CA ALA B 248 -12.31 -24.18 -7.97
C ALA B 248 -13.80 -23.87 -8.08
N SER B 249 -14.38 -23.24 -7.06
CA SER B 249 -15.79 -22.81 -7.18
C SER B 249 -16.00 -21.89 -8.39
N GLU B 250 -14.96 -21.19 -8.83
CA GLU B 250 -15.09 -20.25 -9.94
C GLU B 250 -15.32 -20.93 -11.28
N PHE B 251 -14.94 -22.21 -11.44
CA PHE B 251 -15.12 -22.88 -12.73
C PHE B 251 -15.87 -24.20 -12.58
N TYR B 252 -16.63 -24.34 -11.51
CA TYR B 252 -17.50 -25.51 -11.28
C TYR B 252 -18.76 -25.36 -12.13
N ARG B 253 -18.95 -26.23 -13.12
CA ARG B 253 -20.09 -26.14 -14.04
C ARG B 253 -20.77 -27.49 -14.16
N ASP B 254 -22.07 -27.54 -13.86
CA ASP B 254 -22.89 -28.72 -14.10
C ASP B 254 -22.36 -29.93 -13.33
N GLY B 255 -21.91 -29.69 -12.10
CA GLY B 255 -21.26 -30.74 -11.33
C GLY B 255 -19.89 -31.15 -11.83
N LYS B 256 -19.38 -30.51 -12.88
CA LYS B 256 -18.08 -30.78 -13.51
C LYS B 256 -17.22 -29.52 -13.38
N TYR B 257 -16.00 -29.57 -13.92
CA TYR B 257 -15.03 -28.50 -13.78
C TYR B 257 -14.47 -28.10 -15.13
N ASP B 258 -14.50 -26.79 -15.43
CA ASP B 258 -14.08 -26.24 -16.72
C ASP B 258 -12.77 -25.48 -16.58
N LEU B 259 -11.66 -26.14 -16.92
CA LEU B 259 -10.35 -25.51 -16.80
C LEU B 259 -10.08 -24.47 -17.88
N ASP B 260 -11.03 -24.20 -18.76
CA ASP B 260 -10.89 -23.10 -19.72
C ASP B 260 -12.09 -22.18 -19.64
N PHE B 261 -12.61 -21.96 -18.43
CA PHE B 261 -13.84 -21.21 -18.26
C PHE B 261 -13.74 -19.79 -18.78
N LYS B 262 -12.52 -19.26 -18.96
CA LYS B 262 -12.36 -17.91 -19.50
C LYS B 262 -12.44 -17.85 -21.01
N SER B 263 -12.48 -18.98 -21.70
CA SER B 263 -12.66 -19.00 -23.14
C SER B 263 -14.08 -19.43 -23.49
N PRO B 264 -14.57 -19.10 -24.71
CA PRO B 264 -15.92 -19.52 -25.14
C PRO B 264 -16.25 -20.95 -24.76
N THR B 265 -17.47 -21.17 -24.27
CA THR B 265 -17.85 -22.37 -23.58
C THR B 265 -18.10 -23.54 -24.54
N ASP B 266 -18.05 -24.76 -23.97
CA ASP B 266 -18.54 -26.03 -24.53
C ASP B 266 -18.34 -27.15 -23.51
N PRO B 267 -19.42 -27.78 -23.04
CA PRO B 267 -19.30 -28.76 -21.95
C PRO B 267 -18.46 -29.98 -22.30
N SER B 268 -18.10 -30.17 -23.57
CA SER B 268 -17.31 -31.34 -23.95
C SER B 268 -15.93 -31.34 -23.30
N ARG B 269 -15.37 -30.16 -23.07
CA ARG B 269 -14.04 -30.03 -22.47
C ARG B 269 -14.06 -30.04 -20.94
N TYR B 270 -15.23 -30.17 -20.33
CA TYR B 270 -15.32 -30.23 -18.87
C TYR B 270 -14.76 -31.56 -18.37
N ILE B 271 -14.19 -31.55 -17.16
CA ILE B 271 -13.54 -32.71 -16.57
C ILE B 271 -14.09 -32.95 -15.18
N THR B 272 -14.13 -34.23 -14.79
CA THR B 272 -14.74 -34.62 -13.54
C THR B 272 -13.84 -34.26 -12.35
N GLY B 273 -14.45 -34.31 -11.15
CA GLY B 273 -13.67 -34.10 -9.94
C GLY B 273 -12.51 -35.10 -9.84
N ASP B 274 -12.75 -36.35 -10.23
CA ASP B 274 -11.69 -37.34 -10.17
C ASP B 274 -10.54 -36.96 -11.10
N GLN B 275 -10.85 -36.44 -12.28
CA GLN B 275 -9.80 -36.05 -13.22
C GLN B 275 -9.03 -34.84 -12.72
N LEU B 276 -9.72 -33.90 -12.07
CA LEU B 276 -9.06 -32.73 -11.51
C LEU B 276 -8.12 -33.14 -10.37
N GLY B 277 -8.59 -33.98 -9.46
CA GLY B 277 -7.72 -34.55 -8.45
C GLY B 277 -6.51 -35.28 -9.03
N ALA B 278 -6.68 -35.94 -10.17
CA ALA B 278 -5.54 -36.61 -10.79
C ALA B 278 -4.50 -35.60 -11.24
N LEU B 279 -4.94 -34.45 -11.76
CA LEU B 279 -4.02 -33.41 -12.19
C LEU B 279 -3.29 -32.77 -11.02
N TYR B 280 -3.99 -32.56 -9.89
CA TYR B 280 -3.31 -32.09 -8.69
C TYR B 280 -2.19 -33.04 -8.28
N GLN B 281 -2.43 -34.36 -8.35
CA GLN B 281 -1.40 -35.32 -7.95
C GLN B 281 -0.20 -35.24 -8.88
N ASP B 282 -0.43 -35.02 -10.18
CA ASP B 282 0.70 -34.77 -11.06
C ASP B 282 1.39 -33.46 -10.72
N PHE B 283 0.62 -32.41 -10.43
CA PHE B 283 1.22 -31.15 -9.98
C PHE B 283 2.15 -31.40 -8.79
N VAL B 284 1.64 -32.10 -7.78
CA VAL B 284 2.39 -32.37 -6.57
C VAL B 284 3.61 -33.25 -6.84
N ARG B 285 3.51 -34.15 -7.82
CA ARG B 285 4.64 -35.01 -8.16
C ARG B 285 5.73 -34.24 -8.90
N ASP B 286 5.35 -33.26 -9.72
CA ASP B 286 6.31 -32.65 -10.63
C ASP B 286 6.82 -31.29 -10.18
N TYR B 287 6.15 -30.64 -9.23
CA TYR B 287 6.59 -29.35 -8.73
C TYR B 287 6.55 -29.35 -7.21
N PRO B 288 7.33 -28.50 -6.57
CA PRO B 288 7.36 -28.49 -5.10
C PRO B 288 6.11 -27.86 -4.49
N VAL B 289 4.94 -28.29 -4.92
CA VAL B 289 3.67 -27.84 -4.36
C VAL B 289 3.40 -28.56 -3.05
N VAL B 290 3.27 -27.79 -1.96
CA VAL B 290 3.09 -28.35 -0.62
C VAL B 290 1.76 -27.99 -0.01
N SER B 291 0.93 -27.18 -0.68
CA SER B 291 -0.32 -26.69 -0.11
C SER B 291 -1.24 -26.27 -1.24
N ILE B 292 -2.51 -26.70 -1.18
CA ILE B 292 -3.53 -26.37 -2.17
C ILE B 292 -4.78 -25.91 -1.44
N GLU B 293 -5.28 -24.74 -1.83
CA GLU B 293 -6.46 -24.11 -1.26
C GLU B 293 -7.60 -24.18 -2.27
N ASP B 294 -8.81 -24.44 -1.76
CA ASP B 294 -10.03 -24.66 -2.53
C ASP B 294 -9.80 -25.50 -3.80
N PRO B 295 -9.31 -26.74 -3.68
CA PRO B 295 -9.15 -27.58 -4.87
C PRO B 295 -10.45 -27.92 -5.59
N PHE B 296 -11.57 -28.00 -4.87
CA PHE B 296 -12.85 -28.35 -5.47
C PHE B 296 -13.92 -27.35 -5.04
N ASP B 297 -15.10 -27.49 -5.63
CA ASP B 297 -16.18 -26.55 -5.38
C ASP B 297 -16.55 -26.50 -3.89
N GLN B 298 -17.01 -25.32 -3.46
CA GLN B 298 -17.38 -25.05 -2.07
C GLN B 298 -18.45 -26.00 -1.50
N ASP B 299 -19.13 -26.79 -2.33
CA ASP B 299 -20.06 -27.77 -1.79
C ASP B 299 -19.88 -29.17 -2.38
N ASP B 300 -18.77 -29.41 -3.05
CA ASP B 300 -18.46 -30.76 -3.57
C ASP B 300 -17.72 -31.55 -2.48
N TRP B 301 -18.45 -31.85 -1.41
CA TRP B 301 -17.81 -32.42 -0.23
C TRP B 301 -17.13 -33.76 -0.51
N ALA B 302 -17.74 -34.60 -1.35
CA ALA B 302 -17.15 -35.91 -1.62
C ALA B 302 -15.84 -35.78 -2.39
N ALA B 303 -15.69 -34.74 -3.20
CA ALA B 303 -14.41 -34.58 -3.87
C ALA B 303 -13.34 -34.11 -2.88
N TRP B 304 -13.70 -33.22 -1.94
CA TRP B 304 -12.72 -32.80 -0.91
C TRP B 304 -12.26 -34.00 -0.09
N SER B 305 -13.20 -34.76 0.48
CA SER B 305 -12.84 -35.86 1.37
C SER B 305 -12.01 -36.91 0.65
N LYS B 306 -12.33 -37.19 -0.61
CA LYS B 306 -11.56 -38.18 -1.36
C LYS B 306 -10.14 -37.70 -1.56
N PHE B 307 -9.97 -36.44 -1.98
CA PHE B 307 -8.62 -35.96 -2.29
C PHE B 307 -7.76 -35.86 -1.04
N THR B 308 -8.32 -35.35 0.05
CA THR B 308 -7.57 -35.19 1.29
C THR B 308 -7.12 -36.53 1.86
N ALA B 309 -7.90 -37.59 1.63
CA ALA B 309 -7.49 -38.91 2.10
C ALA B 309 -6.39 -39.51 1.26
N ASN B 310 -6.06 -38.91 0.12
CA ASN B 310 -5.18 -39.53 -0.87
C ASN B 310 -3.90 -38.75 -1.11
N VAL B 311 -3.64 -37.70 -0.33
CA VAL B 311 -2.43 -36.90 -0.49
C VAL B 311 -1.84 -36.59 0.88
N GLY B 312 -0.60 -36.13 0.86
CA GLY B 312 0.08 -35.74 2.08
C GLY B 312 0.23 -34.23 2.25
N ILE B 313 -0.24 -33.47 1.27
CA ILE B 313 -0.02 -32.02 1.28
C ILE B 313 -1.06 -31.32 2.13
N GLN B 314 -0.83 -30.03 2.41
CA GLN B 314 -1.84 -29.23 3.08
C GLN B 314 -3.01 -28.97 2.13
N ILE B 315 -4.24 -29.14 2.64
CA ILE B 315 -5.49 -28.85 1.91
C ILE B 315 -6.22 -27.76 2.68
N VAL B 316 -6.32 -26.57 2.09
CA VAL B 316 -6.85 -25.40 2.80
C VAL B 316 -8.29 -25.13 2.36
N GLY B 317 -9.19 -25.02 3.33
CA GLY B 317 -10.54 -24.55 3.06
C GLY B 317 -10.63 -23.04 3.14
N ASP B 318 -11.14 -22.43 2.07
CA ASP B 318 -11.39 -20.98 2.07
C ASP B 318 -12.89 -20.75 1.86
N ASP B 319 -13.35 -20.82 0.61
CA ASP B 319 -14.78 -20.78 0.36
C ASP B 319 -15.51 -21.97 0.98
N LEU B 320 -14.79 -23.06 1.28
CA LEU B 320 -15.43 -24.21 1.92
C LEU B 320 -15.93 -23.87 3.31
N THR B 321 -15.05 -23.27 4.12
CA THR B 321 -15.27 -23.03 5.55
C THR B 321 -15.70 -21.61 5.88
N VAL B 322 -15.31 -20.62 5.07
CA VAL B 322 -15.51 -19.19 5.27
C VAL B 322 -15.45 -18.82 6.75
N THR B 323 -14.42 -19.30 7.43
CA THR B 323 -14.14 -18.91 8.81
C THR B 323 -15.40 -19.05 9.67
N ASN B 324 -16.24 -20.03 9.36
CA ASN B 324 -17.56 -20.19 9.98
C ASN B 324 -17.57 -21.48 10.81
N PRO B 325 -17.75 -21.38 12.14
CA PRO B 325 -17.62 -22.59 13.00
C PRO B 325 -18.49 -23.76 12.60
N LYS B 326 -19.74 -23.53 12.19
CA LYS B 326 -20.57 -24.65 11.77
C LYS B 326 -20.05 -25.28 10.47
N ARG B 327 -19.58 -24.45 9.54
CA ARG B 327 -18.95 -25.03 8.35
C ARG B 327 -17.66 -25.75 8.71
N ILE B 328 -16.95 -25.29 9.73
CA ILE B 328 -15.68 -25.90 10.11
C ILE B 328 -15.91 -27.28 10.73
N GLU B 329 -16.92 -27.37 11.61
CA GLU B 329 -17.26 -28.66 12.22
C GLU B 329 -17.59 -29.69 11.16
N ARG B 330 -18.38 -29.31 10.15
CA ARG B 330 -18.72 -30.25 9.08
C ARG B 330 -17.47 -30.72 8.36
N ALA B 331 -16.55 -29.79 8.05
CA ALA B 331 -15.32 -30.16 7.37
C ALA B 331 -14.47 -31.09 8.23
N VAL B 332 -14.40 -30.82 9.54
CA VAL B 332 -13.73 -31.73 10.46
C VAL B 332 -14.35 -33.11 10.36
N GLU B 333 -15.67 -33.19 10.58
CA GLU B 333 -16.41 -34.46 10.57
C GLU B 333 -16.10 -35.29 9.33
N GLU B 334 -16.17 -34.68 8.16
CA GLU B 334 -16.02 -35.40 6.91
C GLU B 334 -14.60 -35.37 6.38
N LYS B 335 -13.65 -34.90 7.20
CA LYS B 335 -12.24 -34.91 6.82
C LYS B 335 -12.03 -34.21 5.49
N ALA B 336 -12.69 -33.06 5.30
CA ALA B 336 -12.67 -32.45 3.97
C ALA B 336 -11.34 -31.80 3.67
N CYS B 337 -10.64 -31.33 4.70
CA CYS B 337 -9.42 -30.55 4.53
C CYS B 337 -8.66 -30.62 5.83
N ASN B 338 -7.44 -30.06 5.83
CA ASN B 338 -6.62 -30.12 7.04
C ASN B 338 -6.00 -28.78 7.38
N CYS B 339 -6.55 -27.68 6.85
CA CYS B 339 -6.08 -26.35 7.20
C CYS B 339 -7.20 -25.35 7.02
N LEU B 340 -7.30 -24.41 7.97
CA LEU B 340 -8.31 -23.37 7.95
C LEU B 340 -7.67 -22.07 7.46
N LEU B 341 -8.27 -21.47 6.43
CA LEU B 341 -7.89 -20.10 6.09
C LEU B 341 -8.69 -19.16 6.98
N LEU B 342 -8.01 -18.35 7.76
CA LEU B 342 -8.64 -17.53 8.79
C LEU B 342 -8.70 -16.09 8.27
N LYS B 343 -9.88 -15.68 7.83
CA LYS B 343 -10.19 -14.30 7.46
C LYS B 343 -11.00 -13.72 8.61
N VAL B 344 -10.40 -12.81 9.38
CA VAL B 344 -11.04 -12.38 10.62
C VAL B 344 -12.32 -11.58 10.34
N ASN B 345 -12.40 -10.86 9.21
CA ASN B 345 -13.62 -10.11 8.97
C ASN B 345 -14.73 -11.00 8.42
N GLN B 346 -14.41 -12.25 8.07
CA GLN B 346 -15.44 -13.21 7.71
C GLN B 346 -16.19 -13.72 8.91
N ILE B 347 -15.63 -13.56 10.11
CA ILE B 347 -16.26 -13.99 11.33
C ILE B 347 -16.78 -12.80 12.14
N GLY B 348 -16.00 -11.73 12.27
CA GLY B 348 -16.53 -10.46 12.73
C GLY B 348 -16.03 -9.95 14.06
N SER B 349 -15.27 -10.72 14.83
CA SER B 349 -14.74 -10.21 16.08
C SER B 349 -13.45 -10.94 16.42
N VAL B 350 -12.62 -10.28 17.23
CA VAL B 350 -11.40 -10.92 17.72
C VAL B 350 -11.72 -12.20 18.48
N THR B 351 -12.68 -12.13 19.41
CA THR B 351 -12.98 -13.29 20.24
C THR B 351 -13.46 -14.48 19.42
N GLU B 352 -14.32 -14.24 18.42
CA GLU B 352 -14.82 -15.33 17.60
C GLU B 352 -13.72 -15.90 16.71
N ALA B 353 -12.84 -15.05 16.19
CA ALA B 353 -11.75 -15.54 15.34
C ALA B 353 -10.80 -16.42 16.13
N ILE B 354 -10.52 -16.03 17.38
CA ILE B 354 -9.67 -16.83 18.24
C ILE B 354 -10.32 -18.17 18.53
N GLN B 355 -11.64 -18.17 18.77
CA GLN B 355 -12.36 -19.43 18.94
C GLN B 355 -12.26 -20.30 17.71
N ALA B 356 -12.46 -19.73 16.52
CA ALA B 356 -12.39 -20.52 15.29
C ALA B 356 -11.00 -21.12 15.10
N CYS B 357 -9.96 -20.33 15.37
CA CYS B 357 -8.60 -20.85 15.23
C CYS B 357 -8.34 -22.01 16.21
N LYS B 358 -8.77 -21.85 17.47
CA LYS B 358 -8.52 -22.91 18.44
C LYS B 358 -9.35 -24.15 18.14
N LEU B 359 -10.52 -23.97 17.53
CA LEU B 359 -11.32 -25.11 17.10
C LEU B 359 -10.60 -25.93 16.04
N ALA B 360 -10.04 -25.26 15.02
CA ALA B 360 -9.26 -25.98 14.01
C ALA B 360 -8.05 -26.63 14.65
N GLN B 361 -7.34 -25.89 15.50
CA GLN B 361 -6.10 -26.40 16.08
C GLN B 361 -6.34 -27.62 16.98
N GLU B 362 -7.47 -27.64 17.72
CA GLU B 362 -7.81 -28.80 18.54
C GLU B 362 -7.95 -30.07 17.72
N ASN B 363 -8.44 -29.95 16.49
CA ASN B 363 -8.65 -31.09 15.60
C ASN B 363 -7.46 -31.38 14.70
N GLY B 364 -6.26 -30.96 15.09
CA GLY B 364 -5.08 -31.21 14.30
C GLY B 364 -4.97 -30.48 12.97
N TRP B 365 -5.77 -29.44 12.75
CA TRP B 365 -5.66 -28.64 11.53
C TRP B 365 -4.58 -27.58 11.66
N GLY B 366 -3.97 -27.24 10.55
CA GLY B 366 -3.24 -25.99 10.46
C GLY B 366 -4.18 -24.80 10.31
N VAL B 367 -3.66 -23.60 10.57
CA VAL B 367 -4.42 -22.37 10.39
C VAL B 367 -3.56 -21.37 9.62
N MET B 368 -4.07 -20.87 8.52
CA MET B 368 -3.38 -19.85 7.74
C MET B 368 -4.12 -18.54 7.90
N VAL B 369 -3.51 -17.60 8.62
CA VAL B 369 -4.06 -16.24 8.70
C VAL B 369 -3.98 -15.58 7.33
N SER B 370 -5.03 -14.86 6.96
CA SER B 370 -5.18 -14.36 5.60
C SER B 370 -5.60 -12.88 5.53
N HIS B 371 -5.07 -12.20 4.51
CA HIS B 371 -5.54 -10.90 4.08
C HIS B 371 -6.83 -11.04 3.27
N ARG B 372 -7.39 -9.89 2.91
CA ARG B 372 -8.44 -9.77 1.92
C ARG B 372 -7.91 -9.02 0.71
N SER B 373 -8.61 -9.16 -0.42
CA SER B 373 -8.32 -8.39 -1.62
C SER B 373 -8.17 -6.90 -1.31
N GLY B 374 -9.09 -6.35 -0.53
CA GLY B 374 -9.02 -4.96 -0.14
C GLY B 374 -8.51 -4.85 1.28
N GLU B 375 -7.25 -4.48 1.43
CA GLU B 375 -6.64 -4.31 2.73
C GLU B 375 -6.44 -2.82 3.03
N THR B 376 -5.91 -2.55 4.21
CA THR B 376 -5.57 -1.20 4.63
C THR B 376 -4.16 -1.18 5.18
N GLU B 377 -3.70 0.01 5.56
CA GLU B 377 -2.42 0.18 6.24
C GLU B 377 -2.38 -0.50 7.62
N ASP B 378 -3.51 -1.00 8.11
CA ASP B 378 -3.58 -1.67 9.41
C ASP B 378 -2.75 -2.95 9.42
N THR B 379 -2.14 -3.24 10.58
CA THR B 379 -1.22 -4.37 10.72
C THR B 379 -1.68 -5.38 11.75
N PHE B 380 -2.97 -5.37 12.11
CA PHE B 380 -3.45 -6.22 13.19
C PHE B 380 -3.14 -7.71 12.95
N ILE B 381 -3.35 -8.20 11.73
CA ILE B 381 -3.21 -9.64 11.51
C ILE B 381 -1.76 -10.08 11.68
N ALA B 382 -0.80 -9.17 11.62
CA ALA B 382 0.59 -9.53 11.93
C ALA B 382 0.72 -9.95 13.40
N ASP B 383 0.22 -9.12 14.31
CA ASP B 383 0.24 -9.49 15.73
C ASP B 383 -0.65 -10.70 15.99
N LEU B 384 -1.72 -10.87 15.21
CA LEU B 384 -2.63 -11.98 15.43
C LEU B 384 -1.96 -13.32 15.13
N VAL B 385 -1.26 -13.42 14.00
CA VAL B 385 -0.70 -14.70 13.60
C VAL B 385 0.42 -15.10 14.56
N VAL B 386 1.11 -14.13 15.14
CA VAL B 386 2.12 -14.45 16.14
C VAL B 386 1.46 -14.87 17.44
N GLY B 387 0.43 -14.14 17.87
CA GLY B 387 -0.24 -14.46 19.12
C GLY B 387 -0.95 -15.81 19.11
N LEU B 388 -1.47 -16.23 17.96
CA LEU B 388 -2.13 -17.52 17.84
C LEU B 388 -1.16 -18.65 17.45
N CYS B 389 0.10 -18.31 17.18
CA CYS B 389 1.14 -19.28 16.83
C CYS B 389 0.71 -20.21 15.70
N THR B 390 0.16 -19.66 14.63
CA THR B 390 -0.34 -20.60 13.62
C THR B 390 0.72 -21.00 12.63
N GLY B 391 1.85 -20.30 12.57
CA GLY B 391 2.94 -20.71 11.73
C GLY B 391 2.85 -20.34 10.25
N GLN B 392 1.75 -19.72 9.80
CA GLN B 392 1.69 -19.33 8.39
C GLN B 392 0.70 -18.18 8.20
N ILE B 393 1.09 -17.24 7.33
CA ILE B 393 0.24 -16.11 6.95
C ILE B 393 0.39 -15.91 5.44
N LYS B 394 -0.73 -15.68 4.76
CA LYS B 394 -0.64 -15.18 3.39
C LYS B 394 -1.24 -13.76 3.35
N THR B 395 -0.39 -12.77 3.14
CA THR B 395 -0.88 -11.39 3.10
C THR B 395 -0.24 -10.61 1.95
N GLY B 396 0.00 -11.29 0.84
CA GLY B 396 0.31 -10.63 -0.42
C GLY B 396 1.72 -10.94 -0.92
N ALA B 397 1.95 -10.54 -2.18
CA ALA B 397 3.32 -10.38 -2.65
C ALA B 397 4.06 -9.37 -1.77
N PRO B 398 5.40 -9.36 -1.81
CA PRO B 398 6.13 -8.29 -1.12
C PRO B 398 6.16 -7.01 -1.96
N CYS B 399 4.96 -6.55 -2.29
CA CYS B 399 4.74 -5.40 -3.15
C CYS B 399 3.39 -4.80 -2.75
N ARG B 400 3.27 -3.47 -2.81
CA ARG B 400 2.13 -2.71 -2.30
C ARG B 400 2.13 -2.68 -0.78
N SER B 401 2.07 -1.48 -0.18
CA SER B 401 2.34 -1.37 1.25
C SER B 401 1.19 -1.81 2.16
N GLU B 402 -0.02 -2.01 1.63
CA GLU B 402 -1.01 -2.71 2.43
C GLU B 402 -0.62 -4.16 2.71
N ARG B 403 0.26 -4.73 1.88
CA ARG B 403 0.86 -6.04 2.11
C ARG B 403 2.13 -5.93 2.94
N LEU B 404 3.09 -5.09 2.51
CA LEU B 404 4.34 -4.97 3.26
C LEU B 404 4.12 -4.45 4.67
N ALA B 405 3.03 -3.74 4.93
CA ALA B 405 2.88 -3.26 6.30
C ALA B 405 2.75 -4.43 7.27
N LYS B 406 2.05 -5.48 6.87
CA LYS B 406 1.97 -6.68 7.71
C LYS B 406 3.34 -7.33 7.86
N TYR B 407 4.05 -7.51 6.74
CA TYR B 407 5.34 -8.18 6.74
C TYR B 407 6.39 -7.37 7.52
N ASN B 408 6.42 -6.05 7.31
CA ASN B 408 7.31 -5.19 8.09
C ASN B 408 7.00 -5.29 9.58
N GLN B 409 5.71 -5.32 9.94
CA GLN B 409 5.37 -5.47 11.35
C GLN B 409 5.82 -6.82 11.92
N LEU B 410 5.85 -7.87 11.10
CA LEU B 410 6.36 -9.15 11.59
C LEU B 410 7.86 -9.09 11.81
N MET B 411 8.57 -8.34 10.96
CA MET B 411 10.01 -8.17 11.18
C MET B 411 10.26 -7.40 12.48
N ARG B 412 9.45 -6.38 12.76
CA ARG B 412 9.58 -5.67 14.02
C ARG B 412 9.32 -6.58 15.21
N ILE B 413 8.25 -7.40 15.13
CA ILE B 413 7.93 -8.32 16.22
C ILE B 413 9.08 -9.27 16.47
N GLU B 414 9.68 -9.79 15.40
CA GLU B 414 10.79 -10.73 15.54
C GLU B 414 11.99 -10.07 16.20
N GLU B 415 12.29 -8.82 15.84
CA GLU B 415 13.36 -8.10 16.49
C GLU B 415 13.06 -7.87 17.97
N GLU B 416 11.78 -7.63 18.30
CA GLU B 416 11.43 -7.44 19.71
C GLU B 416 11.58 -8.73 20.51
N LEU B 417 11.21 -9.87 19.93
CA LEU B 417 11.26 -11.12 20.65
C LEU B 417 12.68 -11.51 21.02
N GLY B 418 13.68 -11.01 20.30
CA GLY B 418 15.05 -11.33 20.63
C GLY B 418 15.29 -12.82 20.56
N ASP B 419 16.10 -13.32 21.49
CA ASP B 419 16.52 -14.71 21.48
C ASP B 419 15.37 -15.70 21.65
N GLU B 420 14.17 -15.24 22.01
CA GLU B 420 13.02 -16.12 22.08
C GLU B 420 12.35 -16.30 20.71
N ALA B 421 12.63 -15.43 19.74
CA ALA B 421 11.97 -15.53 18.45
C ALA B 421 12.27 -16.85 17.76
N ARG B 422 11.22 -17.58 17.40
CA ARG B 422 11.38 -18.81 16.63
C ARG B 422 10.56 -18.74 15.34
N PHE B 423 11.18 -19.16 14.25
CA PHE B 423 10.59 -19.19 12.92
C PHE B 423 10.00 -20.58 12.64
N ALA B 424 8.71 -20.60 12.26
CA ALA B 424 8.03 -21.87 12.04
C ALA B 424 8.75 -22.75 11.04
N GLY B 425 9.37 -22.14 10.02
CA GLY B 425 10.15 -22.91 9.05
C GLY B 425 9.41 -24.07 8.42
N HIS B 426 10.02 -25.26 8.51
CA HIS B 426 9.46 -26.45 7.90
C HIS B 426 8.29 -26.98 8.68
N ASN B 427 8.08 -26.51 9.90
CA ASN B 427 6.89 -26.86 10.67
C ASN B 427 5.78 -25.81 10.56
N PHE B 428 5.64 -25.18 9.39
CA PHE B 428 4.58 -24.18 9.20
C PHE B 428 3.21 -24.79 9.36
N ARG B 429 3.05 -26.09 9.09
CA ARG B 429 1.74 -26.71 9.26
C ARG B 429 1.42 -27.01 10.73
N ASN B 430 2.42 -27.40 11.51
CA ASN B 430 2.23 -27.78 12.92
C ASN B 430 3.32 -27.09 13.74
N PRO B 431 3.19 -25.79 13.96
CA PRO B 431 4.22 -25.07 14.73
C PRO B 431 4.30 -25.50 16.20
N SER B 432 3.31 -26.23 16.70
CA SER B 432 3.29 -26.62 18.11
C SER B 432 4.37 -27.63 18.47
N VAL B 433 4.93 -28.36 17.50
CA VAL B 433 6.02 -29.28 17.82
C VAL B 433 7.24 -28.51 18.34
N LEU B 434 7.32 -27.20 18.08
CA LEU B 434 8.39 -26.37 18.57
C LEU B 434 8.15 -25.84 19.98
N HIS B 435 6.91 -25.86 20.47
CA HIS B 435 6.54 -25.24 21.76
C HIS B 435 7.42 -25.65 22.94
#